data_3F2U
# 
_entry.id   3F2U 
# 
_audit_conform.dict_name       mmcif_pdbx.dic 
_audit_conform.dict_version    5.378 
_audit_conform.dict_location   http://mmcif.pdb.org/dictionaries/ascii/mmcif_pdbx.dic 
# 
loop_
_database_2.database_id 
_database_2.database_code 
_database_2.pdbx_database_accession 
_database_2.pdbx_DOI 
PDB   3F2U         pdb_00003f2u 10.2210/pdb3f2u/pdb 
RCSB  RCSB050076   ?            ?                   
WWPDB D_1000050076 ?            ?                   
# 
_pdbx_database_status.entry_id                        3F2U 
_pdbx_database_status.deposit_site                    RCSB 
_pdbx_database_status.process_site                    RCSB 
_pdbx_database_status.recvd_initial_deposition_date   2008-10-30 
_pdbx_database_status.status_code                     REL 
_pdbx_database_status.status_code_sf                  REL 
_pdbx_database_status.status_code_mr                  ? 
_pdbx_database_status.SG_entry                        Y 
_pdbx_database_status.pdb_format_compatible           Y 
_pdbx_database_status.status_code_cs                  ? 
_pdbx_database_status.status_code_nmr_data            ? 
_pdbx_database_status.methods_development_category    ? 
# 
loop_
_audit_author.name 
_audit_author.pdbx_ordinal 
'Amaya, M.F.'                          1  
'Ravichandran, M.'                     2  
'Tempel, W.'                           3  
'Wernimont, A.K.'                      4  
'Loppnau, P.'                          5  
'Kozieradzki, I.'                      6  
'Edwards, A.M.'                        7  
'Arrowsmith, C.H.'                     8  
'Weigelt, J.'                          9  
'Bountra, C.'                          10 
'Botchkarev, A.'                       11 
'Min, J.'                              12 
'Ouyang, H.'                           13 
'Structural Genomics Consortium (SGC)' 14 
# 
_citation.id                        primary 
_citation.title                     'Crystal structure of the complex of human chromobox homolog 1 (CBX1)' 
_citation.journal_abbrev            'To be Published' 
_citation.journal_volume            ? 
_citation.page_first                ? 
_citation.page_last                 ? 
_citation.year                      ? 
_citation.journal_id_ASTM           ? 
_citation.country                   ? 
_citation.journal_id_ISSN           ? 
_citation.journal_id_CSD            0353 
_citation.book_publisher            ? 
_citation.pdbx_database_id_PubMed   ? 
_citation.pdbx_database_id_DOI      ? 
# 
loop_
_citation_author.citation_id 
_citation_author.name 
_citation_author.ordinal 
_citation_author.identifier_ORCID 
primary 'Ravichandran, M.' 1  ? 
primary 'Amaya, M.F.'      2  ? 
primary 'Tempel, W.'       3  ? 
primary 'Wernimont, A.K.'  4  ? 
primary 'Loppnau, P.'      5  ? 
primary 'Kozieradzki, I.'  6  ? 
primary 'Edwards, A.M.'    7  ? 
primary 'Arrowsmith, C.H.' 8  ? 
primary 'Weigelt, J.'      9  ? 
primary 'Bountra, C.'      10 ? 
primary 'Botchkarev, A.'   11 ? 
primary 'Min, J.'          12 ? 
primary 'Ouyang, H.'       13 ? 
# 
_cell.length_a           51.057 
_cell.length_b           39.068 
_cell.length_c           37.832 
_cell.angle_alpha        90.000 
_cell.angle_beta         137.030 
_cell.angle_gamma        90.000 
_cell.entry_id           3F2U 
_cell.pdbx_unique_axis   ? 
_cell.Z_PDB              4 
_cell.length_a_esd       ? 
_cell.length_b_esd       ? 
_cell.length_c_esd       ? 
_cell.angle_alpha_esd    ? 
_cell.angle_beta_esd     ? 
_cell.angle_gamma_esd    ? 
# 
_symmetry.space_group_name_H-M             'C 1 2 1' 
_symmetry.entry_id                         3F2U 
_symmetry.pdbx_full_space_group_name_H-M   ? 
_symmetry.Int_Tables_number                5 
_symmetry.cell_setting                     ? 
_symmetry.space_group_name_Hall            ? 
# 
loop_
_entity.id 
_entity.type 
_entity.src_method 
_entity.pdbx_description 
_entity.formula_weight 
_entity.pdbx_number_of_molecules 
_entity.pdbx_ec 
_entity.pdbx_mutation 
_entity.pdbx_fragment 
_entity.details 
1 polymer man 'Chromobox protein homolog 1' 6496.267 1  ? ? ? ? 
2 water   nat water                         18.015   28 ? ? ? ? 
# 
_entity_name_com.entity_id   1 
_entity_name_com.name        
'Heterochromatin protein 1 homolog beta, HP1 beta, Modifier 1 protein, M31, Heterochromatin protein p25, HP1Hsbeta, p25beta' 
# 
_entity_poly.entity_id                      1 
_entity_poly.type                           'polypeptide(L)' 
_entity_poly.nstd_linkage                   no 
_entity_poly.nstd_monomer                   no 
_entity_poly.pdbx_seq_one_letter_code       GEYVVEKVLDRRVVKGKVEYLLKWKGFSDEDNTWEPEENLDCPDLIAEFLQSQKT 
_entity_poly.pdbx_seq_one_letter_code_can   GEYVVEKVLDRRVVKGKVEYLLKWKGFSDEDNTWEPEENLDCPDLIAEFLQSQKT 
_entity_poly.pdbx_strand_id                 A 
_entity_poly.pdbx_target_identifier         ? 
# 
loop_
_entity_poly_seq.entity_id 
_entity_poly_seq.num 
_entity_poly_seq.mon_id 
_entity_poly_seq.hetero 
1 1  GLY n 
1 2  GLU n 
1 3  TYR n 
1 4  VAL n 
1 5  VAL n 
1 6  GLU n 
1 7  LYS n 
1 8  VAL n 
1 9  LEU n 
1 10 ASP n 
1 11 ARG n 
1 12 ARG n 
1 13 VAL n 
1 14 VAL n 
1 15 LYS n 
1 16 GLY n 
1 17 LYS n 
1 18 VAL n 
1 19 GLU n 
1 20 TYR n 
1 21 LEU n 
1 22 LEU n 
1 23 LYS n 
1 24 TRP n 
1 25 LYS n 
1 26 GLY n 
1 27 PHE n 
1 28 SER n 
1 29 ASP n 
1 30 GLU n 
1 31 ASP n 
1 32 ASN n 
1 33 THR n 
1 34 TRP n 
1 35 GLU n 
1 36 PRO n 
1 37 GLU n 
1 38 GLU n 
1 39 ASN n 
1 40 LEU n 
1 41 ASP n 
1 42 CYS n 
1 43 PRO n 
1 44 ASP n 
1 45 LEU n 
1 46 ILE n 
1 47 ALA n 
1 48 GLU n 
1 49 PHE n 
1 50 LEU n 
1 51 GLN n 
1 52 SER n 
1 53 GLN n 
1 54 LYS n 
1 55 THR n 
# 
_entity_src_gen.entity_id                          1 
_entity_src_gen.pdbx_src_id                        1 
_entity_src_gen.pdbx_alt_source_flag               sample 
_entity_src_gen.pdbx_seq_type                      ? 
_entity_src_gen.pdbx_beg_seq_num                   ? 
_entity_src_gen.pdbx_end_seq_num                   ? 
_entity_src_gen.gene_src_common_name               human 
_entity_src_gen.gene_src_genus                     ? 
_entity_src_gen.pdbx_gene_src_gene                 'CBX1, CBX' 
_entity_src_gen.gene_src_species                   ? 
_entity_src_gen.gene_src_strain                    ? 
_entity_src_gen.gene_src_tissue                    ? 
_entity_src_gen.gene_src_tissue_fraction           ? 
_entity_src_gen.gene_src_details                   ? 
_entity_src_gen.pdbx_gene_src_fragment             ? 
_entity_src_gen.pdbx_gene_src_scientific_name      'Homo sapiens' 
_entity_src_gen.pdbx_gene_src_ncbi_taxonomy_id     9606 
_entity_src_gen.pdbx_gene_src_variant              ? 
_entity_src_gen.pdbx_gene_src_cell_line            ? 
_entity_src_gen.pdbx_gene_src_atcc                 ? 
_entity_src_gen.pdbx_gene_src_organ                ? 
_entity_src_gen.pdbx_gene_src_organelle            ? 
_entity_src_gen.pdbx_gene_src_cell                 ? 
_entity_src_gen.pdbx_gene_src_cellular_location    ? 
_entity_src_gen.host_org_common_name               ? 
_entity_src_gen.pdbx_host_org_scientific_name      'Escherichia coli' 
_entity_src_gen.pdbx_host_org_ncbi_taxonomy_id     562 
_entity_src_gen.host_org_genus                     ? 
_entity_src_gen.pdbx_host_org_gene                 ? 
_entity_src_gen.pdbx_host_org_organ                ? 
_entity_src_gen.host_org_species                   ? 
_entity_src_gen.pdbx_host_org_tissue               ? 
_entity_src_gen.pdbx_host_org_tissue_fraction      ? 
_entity_src_gen.pdbx_host_org_strain               ? 
_entity_src_gen.pdbx_host_org_variant              ? 
_entity_src_gen.pdbx_host_org_cell_line            ? 
_entity_src_gen.pdbx_host_org_atcc                 ? 
_entity_src_gen.pdbx_host_org_culture_collection   ? 
_entity_src_gen.pdbx_host_org_cell                 ? 
_entity_src_gen.pdbx_host_org_organelle            ? 
_entity_src_gen.pdbx_host_org_cellular_location    ? 
_entity_src_gen.pdbx_host_org_vector_type          ? 
_entity_src_gen.pdbx_host_org_vector               ? 
_entity_src_gen.host_org_details                   ? 
_entity_src_gen.expression_system_id               ? 
_entity_src_gen.plasmid_name                       ? 
_entity_src_gen.plasmid_details                    ? 
_entity_src_gen.pdbx_description                   ? 
# 
_struct_ref.id                         1 
_struct_ref.db_code                    CBX1_HUMAN 
_struct_ref.db_name                    UNP 
_struct_ref.entity_id                  1 
_struct_ref.pdbx_db_accession          P83916 
_struct_ref.pdbx_align_begin           20 
_struct_ref.pdbx_seq_one_letter_code   EYVVEKVLDRRVVKGKVEYLLKWKGFSDEDNTWEPEENLDCPDLIAEFLQSQKT 
_struct_ref.pdbx_db_isoform            ? 
# 
_struct_ref_seq.align_id                      1 
_struct_ref_seq.ref_id                        1 
_struct_ref_seq.pdbx_PDB_id_code              3F2U 
_struct_ref_seq.pdbx_strand_id                A 
_struct_ref_seq.seq_align_beg                 2 
_struct_ref_seq.pdbx_seq_align_beg_ins_code   ? 
_struct_ref_seq.seq_align_end                 55 
_struct_ref_seq.pdbx_seq_align_end_ins_code   ? 
_struct_ref_seq.pdbx_db_accession             P83916 
_struct_ref_seq.db_align_beg                  20 
_struct_ref_seq.pdbx_db_align_beg_ins_code    ? 
_struct_ref_seq.db_align_end                  73 
_struct_ref_seq.pdbx_db_align_end_ins_code    ? 
_struct_ref_seq.pdbx_auth_seq_align_beg       2 
_struct_ref_seq.pdbx_auth_seq_align_end       55 
# 
_struct_ref_seq_dif.align_id                     1 
_struct_ref_seq_dif.pdbx_pdb_id_code             3F2U 
_struct_ref_seq_dif.mon_id                       GLY 
_struct_ref_seq_dif.pdbx_pdb_strand_id           A 
_struct_ref_seq_dif.seq_num                      1 
_struct_ref_seq_dif.pdbx_pdb_ins_code            ? 
_struct_ref_seq_dif.pdbx_seq_db_name             UNP 
_struct_ref_seq_dif.pdbx_seq_db_accession_code   P83916 
_struct_ref_seq_dif.db_mon_id                    ? 
_struct_ref_seq_dif.pdbx_seq_db_seq_num          ? 
_struct_ref_seq_dif.details                      'expression tag' 
_struct_ref_seq_dif.pdbx_auth_seq_num            1 
_struct_ref_seq_dif.pdbx_ordinal                 1 
# 
loop_
_chem_comp.id 
_chem_comp.type 
_chem_comp.mon_nstd_flag 
_chem_comp.name 
_chem_comp.pdbx_synonyms 
_chem_comp.formula 
_chem_comp.formula_weight 
ALA 'L-peptide linking' y ALANINE         ? 'C3 H7 N O2'     89.093  
ARG 'L-peptide linking' y ARGININE        ? 'C6 H15 N4 O2 1' 175.209 
ASN 'L-peptide linking' y ASPARAGINE      ? 'C4 H8 N2 O3'    132.118 
ASP 'L-peptide linking' y 'ASPARTIC ACID' ? 'C4 H7 N O4'     133.103 
CYS 'L-peptide linking' y CYSTEINE        ? 'C3 H7 N O2 S'   121.158 
GLN 'L-peptide linking' y GLUTAMINE       ? 'C5 H10 N2 O3'   146.144 
GLU 'L-peptide linking' y 'GLUTAMIC ACID' ? 'C5 H9 N O4'     147.129 
GLY 'peptide linking'   y GLYCINE         ? 'C2 H5 N O2'     75.067  
HOH non-polymer         . WATER           ? 'H2 O'           18.015  
ILE 'L-peptide linking' y ISOLEUCINE      ? 'C6 H13 N O2'    131.173 
LEU 'L-peptide linking' y LEUCINE         ? 'C6 H13 N O2'    131.173 
LYS 'L-peptide linking' y LYSINE          ? 'C6 H15 N2 O2 1' 147.195 
PHE 'L-peptide linking' y PHENYLALANINE   ? 'C9 H11 N O2'    165.189 
PRO 'L-peptide linking' y PROLINE         ? 'C5 H9 N O2'     115.130 
SER 'L-peptide linking' y SERINE          ? 'C3 H7 N O3'     105.093 
THR 'L-peptide linking' y THREONINE       ? 'C4 H9 N O3'     119.119 
TRP 'L-peptide linking' y TRYPTOPHAN      ? 'C11 H12 N2 O2'  204.225 
TYR 'L-peptide linking' y TYROSINE        ? 'C9 H11 N O3'    181.189 
VAL 'L-peptide linking' y VALINE          ? 'C5 H11 N O2'    117.146 
# 
_exptl.crystals_number   1 
_exptl.entry_id          3F2U 
_exptl.method            'X-RAY DIFFRACTION' 
# 
_exptl_crystal.id                    1 
_exptl_crystal.density_Matthews      1.98 
_exptl_crystal.density_meas          ? 
_exptl_crystal.density_percent_sol   37.86 
_exptl_crystal.description           ? 
_exptl_crystal.F_000                 ? 
_exptl_crystal.preparation           ? 
# 
_exptl_crystal_grow.crystal_id      1 
_exptl_crystal_grow.method          'VAPOR DIFFUSION, HANGING DROP' 
_exptl_crystal_grow.pH              7.5 
_exptl_crystal_grow.temp            298 
_exptl_crystal_grow.temp_details    ? 
_exptl_crystal_grow.pdbx_details    '30% PEG 400, 0.2M CaCl2 0.1M Na Hepes 7.5, VAPOR DIFFUSION, HANGING DROP, temperature 298K' 
_exptl_crystal_grow.pdbx_pH_range   ? 
# 
_diffrn.id                     1 
_diffrn.ambient_temp           100 
_diffrn.ambient_temp_details   ? 
_diffrn.crystal_id             1 
# 
_diffrn_detector.diffrn_id              1 
_diffrn_detector.detector               CCD 
_diffrn_detector.type                   'MARMOSAIC 300 mm CCD' 
_diffrn_detector.pdbx_collection_date   ? 
_diffrn_detector.details                ? 
# 
_diffrn_radiation.diffrn_id                        1 
_diffrn_radiation.wavelength_id                    1 
_diffrn_radiation.pdbx_diffrn_protocol             'SINGLE WAVELENGTH' 
_diffrn_radiation.monochromator                    ? 
_diffrn_radiation.pdbx_monochromatic_or_laue_m_l   M 
_diffrn_radiation.pdbx_scattering_type             x-ray 
# 
_diffrn_radiation_wavelength.id           1 
_diffrn_radiation_wavelength.wavelength   0.97625 
_diffrn_radiation_wavelength.wt           1.0 
# 
_diffrn_source.diffrn_id                   1 
_diffrn_source.source                      SYNCHROTRON 
_diffrn_source.type                        'APS BEAMLINE 23-ID-B' 
_diffrn_source.pdbx_wavelength             ? 
_diffrn_source.pdbx_wavelength_list        0.97625 
_diffrn_source.pdbx_synchrotron_site       APS 
_diffrn_source.pdbx_synchrotron_beamline   23-ID-B 
# 
_reflns.entry_id                     3F2U 
_reflns.observed_criterion_sigma_F   ? 
_reflns.observed_criterion_sigma_I   ? 
_reflns.d_resolution_high            1.8 
_reflns.d_resolution_low             40 
_reflns.number_all                   4815 
_reflns.number_obs                   4818 
_reflns.percent_possible_obs         ? 
_reflns.pdbx_Rmerge_I_obs            ? 
_reflns.pdbx_Rsym_value              ? 
_reflns.B_iso_Wilson_estimate        ? 
_reflns.pdbx_redundancy              ? 
_reflns.R_free_details               ? 
_reflns.limit_h_max                  ? 
_reflns.limit_h_min                  ? 
_reflns.limit_k_max                  ? 
_reflns.limit_k_min                  ? 
_reflns.limit_l_max                  ? 
_reflns.limit_l_min                  ? 
_reflns.observed_criterion_F_max     ? 
_reflns.observed_criterion_F_min     ? 
_reflns.pdbx_chi_squared             ? 
_reflns.pdbx_scaling_rejects         ? 
_reflns.pdbx_netI_over_sigmaI        ? 
_reflns.pdbx_ordinal                 1 
_reflns.pdbx_diffrn_id               1 
# 
_refine.entry_id                                 3F2U 
_refine.ls_d_res_high                            1.8 
_refine.ls_d_res_low                             27.180 
_refine.pdbx_ls_sigma_F                          0.00 
_refine.ls_percent_reflns_obs                    96.740 
_refine.ls_number_reflns_obs                     4660 
_refine.pdbx_ls_cross_valid_method               THROUGHOUT 
_refine.pdbx_R_Free_selection_details            RANDOM 
_refine.details                                  'HYDROGENS HAVE BEEN ADDED IN THE RIDING POSITIONS' 
_refine.ls_R_factor_obs                          0.224 
_refine.ls_R_factor_R_work                       0.222 
_refine.ls_R_factor_R_free                       0.274 
_refine.ls_percent_reflns_R_free                 4.700 
_refine.ls_number_reflns_R_free                  219 
_refine.B_iso_mean                               11.545 
_refine.aniso_B[1][1]                            0.970 
_refine.aniso_B[2][2]                            -1.200 
_refine.aniso_B[3][3]                            2.820 
_refine.aniso_B[1][2]                            0.000 
_refine.aniso_B[1][3]                            1.780 
_refine.aniso_B[2][3]                            0.000 
_refine.correlation_coeff_Fo_to_Fc               0.941 
_refine.correlation_coeff_Fo_to_Fc_free          0.922 
_refine.pdbx_overall_ESU_R                       0.160 
_refine.pdbx_overall_ESU_R_Free                  0.156 
_refine.overall_SU_ML                            0.119 
_refine.overall_SU_B                             7.850 
_refine.solvent_model_details                    MASK 
_refine.pdbx_solvent_vdw_probe_radii             1.400 
_refine.pdbx_solvent_ion_probe_radii             0.800 
_refine.pdbx_solvent_shrinkage_radii             0.800 
_refine.pdbx_method_to_determine_struct          'MOLECULAR REPLACEMENT' 
_refine.pdbx_stereochemistry_target_values       'MAXIMUM LIKELIHOOD' 
_refine.B_iso_max                                49.65 
_refine.B_iso_min                                3.08 
_refine.occupancy_max                            1.00 
_refine.occupancy_min                            1.00 
_refine.pdbx_ls_sigma_I                          ? 
_refine.ls_number_reflns_all                     ? 
_refine.ls_R_factor_all                          ? 
_refine.ls_redundancy_reflns_obs                 ? 
_refine.pdbx_data_cutoff_high_absF               ? 
_refine.pdbx_data_cutoff_low_absF                ? 
_refine.ls_number_parameters                     ? 
_refine.ls_number_restraints                     ? 
_refine.ls_R_factor_R_free_error                 ? 
_refine.ls_R_factor_R_free_error_details         ? 
_refine.pdbx_starting_model                      3DM1 
_refine.pdbx_stereochem_target_val_spec_case     ? 
_refine.solvent_model_param_bsol                 ? 
_refine.solvent_model_param_ksol                 ? 
_refine.pdbx_isotropic_thermal_model             ? 
_refine.overall_SU_R_Cruickshank_DPI             ? 
_refine.overall_SU_R_free                        ? 
_refine.pdbx_data_cutoff_high_rms_absF           ? 
_refine.ls_wR_factor_R_free                      ? 
_refine.ls_wR_factor_R_work                      ? 
_refine.overall_FOM_free_R_set                   ? 
_refine.overall_FOM_work_R_set                   ? 
_refine.pdbx_overall_phase_error                 ? 
_refine.pdbx_refine_id                           'X-RAY DIFFRACTION' 
_refine.pdbx_TLS_residual_ADP_flag               'LIKELY RESIDUAL' 
_refine.pdbx_diffrn_id                           1 
_refine.pdbx_overall_SU_R_free_Cruickshank_DPI   ? 
_refine.pdbx_overall_SU_R_Blow_DPI               ? 
_refine.pdbx_overall_SU_R_free_Blow_DPI          ? 
# 
_refine_hist.pdbx_refine_id                   'X-RAY DIFFRACTION' 
_refine_hist.cycle_id                         LAST 
_refine_hist.pdbx_number_atoms_protein        393 
_refine_hist.pdbx_number_atoms_nucleic_acid   0 
_refine_hist.pdbx_number_atoms_ligand         0 
_refine_hist.number_atoms_solvent             28 
_refine_hist.number_atoms_total               421 
_refine_hist.d_res_high                       1.8 
_refine_hist.d_res_low                        27.180 
# 
loop_
_refine_ls_restr.type 
_refine_ls_restr.number 
_refine_ls_restr.dev_ideal 
_refine_ls_restr.dev_ideal_target 
_refine_ls_restr.weight 
_refine_ls_restr.pdbx_refine_id 
_refine_ls_restr.pdbx_restraint_function 
r_bond_refined_d         402 0.019  0.022  ? 'X-RAY DIFFRACTION' ? 
r_angle_refined_deg      547 1.623  1.958  ? 'X-RAY DIFFRACTION' ? 
r_dihedral_angle_1_deg   50  6.397  5.000  ? 'X-RAY DIFFRACTION' ? 
r_dihedral_angle_2_deg   17  28.944 24.118 ? 'X-RAY DIFFRACTION' ? 
r_dihedral_angle_3_deg   62  11.622 15.000 ? 'X-RAY DIFFRACTION' ? 
r_dihedral_angle_4_deg   2   13.996 15.000 ? 'X-RAY DIFFRACTION' ? 
r_chiral_restr           61  0.106  0.200  ? 'X-RAY DIFFRACTION' ? 
r_gen_planes_refined     304 0.009  0.020  ? 'X-RAY DIFFRACTION' ? 
r_nbd_refined            147 0.223  0.200  ? 'X-RAY DIFFRACTION' ? 
r_nbtor_refined          271 0.311  0.200  ? 'X-RAY DIFFRACTION' ? 
r_xyhbond_nbd_refined    24  0.230  0.200  ? 'X-RAY DIFFRACTION' ? 
r_symmetry_vdw_refined   23  0.360  0.200  ? 'X-RAY DIFFRACTION' ? 
r_symmetry_hbond_refined 8   0.393  0.200  ? 'X-RAY DIFFRACTION' ? 
r_mcbond_it              260 0.962  1.500  ? 'X-RAY DIFFRACTION' ? 
r_mcangle_it             400 1.346  2.000  ? 'X-RAY DIFFRACTION' ? 
r_scbond_it              172 2.314  3.000  ? 'X-RAY DIFFRACTION' ? 
r_scangle_it             147 3.111  4.500  ? 'X-RAY DIFFRACTION' ? 
# 
_refine_ls_shell.d_res_high                       1.795 
_refine_ls_shell.d_res_low                        1.841 
_refine_ls_shell.pdbx_total_number_of_bins_used   20 
_refine_ls_shell.percent_reflns_obs               87.830 
_refine_ls_shell.number_reflns_R_work             286 
_refine_ls_shell.R_factor_all                     ? 
_refine_ls_shell.R_factor_R_work                  0.194 
_refine_ls_shell.R_factor_R_free                  0.225 
_refine_ls_shell.percent_reflns_R_free            ? 
_refine_ls_shell.number_reflns_R_free             17 
_refine_ls_shell.R_factor_R_free_error            ? 
_refine_ls_shell.number_reflns_all                303 
_refine_ls_shell.number_reflns_obs                ? 
_refine_ls_shell.redundancy_reflns_obs            ? 
_refine_ls_shell.pdbx_refine_id                   'X-RAY DIFFRACTION' 
# 
_struct.entry_id                  3F2U 
_struct.title                     'Crystal structure of human chromobox homolog 1 (CBX1)' 
_struct.pdbx_model_details        ? 
_struct.pdbx_CASP_flag            ? 
_struct.pdbx_model_type_details   ? 
# 
_struct_keywords.entry_id        3F2U 
_struct_keywords.pdbx_keywords   'PROTEIN BINDING' 
_struct_keywords.text            
;Human chromobox homolog 1, CBX1, Structural Genomics, Structural Genomics Consortium, SGC, Centromere, Nucleus, Phosphoprotein, PROTEIN BINDING
;
# 
loop_
_struct_asym.id 
_struct_asym.pdbx_blank_PDB_chainid_flag 
_struct_asym.pdbx_modified 
_struct_asym.entity_id 
_struct_asym.details 
A N N 1 ? 
B N N 2 ? 
# 
_struct_biol.id        1 
_struct_biol.details   ? 
# 
loop_
_struct_conf.conf_type_id 
_struct_conf.id 
_struct_conf.pdbx_PDB_helix_id 
_struct_conf.beg_label_comp_id 
_struct_conf.beg_label_asym_id 
_struct_conf.beg_label_seq_id 
_struct_conf.pdbx_beg_PDB_ins_code 
_struct_conf.end_label_comp_id 
_struct_conf.end_label_asym_id 
_struct_conf.end_label_seq_id 
_struct_conf.pdbx_end_PDB_ins_code 
_struct_conf.beg_auth_comp_id 
_struct_conf.beg_auth_asym_id 
_struct_conf.beg_auth_seq_id 
_struct_conf.end_auth_comp_id 
_struct_conf.end_auth_asym_id 
_struct_conf.end_auth_seq_id 
_struct_conf.pdbx_PDB_helix_class 
_struct_conf.details 
_struct_conf.pdbx_PDB_helix_length 
HELX_P HELX_P1 1 SER A 28 ? ASN A 32 ? SER A 28 ASN A 32 5 ? 5  
HELX_P HELX_P2 2 GLU A 38 ? LEU A 40 ? GLU A 38 LEU A 40 5 ? 3  
HELX_P HELX_P3 3 CYS A 42 ? GLN A 51 ? CYS A 42 GLN A 51 1 ? 10 
# 
_struct_conf_type.id          HELX_P 
_struct_conf_type.criteria    ? 
_struct_conf_type.reference   ? 
# 
_struct_sheet.id               A 
_struct_sheet.type             ? 
_struct_sheet.number_strands   3 
_struct_sheet.details          ? 
# 
loop_
_struct_sheet_order.sheet_id 
_struct_sheet_order.range_id_1 
_struct_sheet_order.range_id_2 
_struct_sheet_order.offset 
_struct_sheet_order.sense 
A 1 2 ? anti-parallel 
A 2 3 ? anti-parallel 
# 
loop_
_struct_sheet_range.sheet_id 
_struct_sheet_range.id 
_struct_sheet_range.beg_label_comp_id 
_struct_sheet_range.beg_label_asym_id 
_struct_sheet_range.beg_label_seq_id 
_struct_sheet_range.pdbx_beg_PDB_ins_code 
_struct_sheet_range.end_label_comp_id 
_struct_sheet_range.end_label_asym_id 
_struct_sheet_range.end_label_seq_id 
_struct_sheet_range.pdbx_end_PDB_ins_code 
_struct_sheet_range.beg_auth_comp_id 
_struct_sheet_range.beg_auth_asym_id 
_struct_sheet_range.beg_auth_seq_id 
_struct_sheet_range.end_auth_comp_id 
_struct_sheet_range.end_auth_asym_id 
_struct_sheet_range.end_auth_seq_id 
A 1 VAL A 5  ? VAL A 14 ? VAL A 5  VAL A 14 
A 2 LYS A 17 ? TRP A 24 ? LYS A 17 TRP A 24 
A 3 THR A 33 ? PRO A 36 ? THR A 33 PRO A 36 
# 
loop_
_pdbx_struct_sheet_hbond.sheet_id 
_pdbx_struct_sheet_hbond.range_id_1 
_pdbx_struct_sheet_hbond.range_id_2 
_pdbx_struct_sheet_hbond.range_1_label_atom_id 
_pdbx_struct_sheet_hbond.range_1_label_comp_id 
_pdbx_struct_sheet_hbond.range_1_label_asym_id 
_pdbx_struct_sheet_hbond.range_1_label_seq_id 
_pdbx_struct_sheet_hbond.range_1_PDB_ins_code 
_pdbx_struct_sheet_hbond.range_1_auth_atom_id 
_pdbx_struct_sheet_hbond.range_1_auth_comp_id 
_pdbx_struct_sheet_hbond.range_1_auth_asym_id 
_pdbx_struct_sheet_hbond.range_1_auth_seq_id 
_pdbx_struct_sheet_hbond.range_2_label_atom_id 
_pdbx_struct_sheet_hbond.range_2_label_comp_id 
_pdbx_struct_sheet_hbond.range_2_label_asym_id 
_pdbx_struct_sheet_hbond.range_2_label_seq_id 
_pdbx_struct_sheet_hbond.range_2_PDB_ins_code 
_pdbx_struct_sheet_hbond.range_2_auth_atom_id 
_pdbx_struct_sheet_hbond.range_2_auth_comp_id 
_pdbx_struct_sheet_hbond.range_2_auth_asym_id 
_pdbx_struct_sheet_hbond.range_2_auth_seq_id 
A 1 2 N GLU A 6  ? N GLU A 6  O LYS A 23 ? O LYS A 23 
A 2 3 N TYR A 20 ? N TYR A 20 O GLU A 35 ? O GLU A 35 
# 
_atom_sites.entry_id                    3F2U 
_atom_sites.fract_transf_matrix[1][1]   -0.00662611 
_atom_sites.fract_transf_matrix[1][2]   -0.01434630 
_atom_sites.fract_transf_matrix[1][3]   -0.02399876 
_atom_sites.fract_transf_matrix[2][1]   -0.02272271 
_atom_sites.fract_transf_matrix[2][2]   -0.00623246 
_atom_sites.fract_transf_matrix[2][3]   0.00999951 
_atom_sites.fract_transf_matrix[3][1]   -0.01707434 
_atom_sites.fract_transf_matrix[3][2]   0.00781273 
_atom_sites.fract_transf_matrix[3][3]   -0.03392991 
_atom_sites.fract_transf_vector[1]      0.374456 
_atom_sites.fract_transf_vector[2]      -0.036351 
_atom_sites.fract_transf_vector[3]      0.149987 
# 
loop_
_atom_type.symbol 
C 
N 
O 
S 
# 
loop_
_atom_site.group_PDB 
_atom_site.id 
_atom_site.type_symbol 
_atom_site.label_atom_id 
_atom_site.label_alt_id 
_atom_site.label_comp_id 
_atom_site.label_asym_id 
_atom_site.label_entity_id 
_atom_site.label_seq_id 
_atom_site.pdbx_PDB_ins_code 
_atom_site.Cartn_x 
_atom_site.Cartn_y 
_atom_site.Cartn_z 
_atom_site.occupancy 
_atom_site.B_iso_or_equiv 
_atom_site.pdbx_formal_charge 
_atom_site.auth_seq_id 
_atom_site.auth_comp_id 
_atom_site.auth_asym_id 
_atom_site.auth_atom_id 
_atom_site.pdbx_PDB_model_num 
ATOM   1   N N   . GLY A 1 1  ? -0.542  13.567  -12.407 1.00 10.75 ? 1   GLY A N   1 
ATOM   2   C CA  . GLY A 1 1  ? -0.480  12.388  -13.331 1.00 10.75 ? 1   GLY A CA  1 
ATOM   3   C C   . GLY A 1 1  ? 0.303   11.229  -12.708 1.00 11.49 ? 1   GLY A C   1 
ATOM   4   O O   . GLY A 1 1  ? -0.066  10.071  -12.867 1.00 10.81 ? 1   GLY A O   1 
ATOM   5   N N   . GLU A 1 2  ? 1.370   11.540  -11.971 1.00 12.25 ? 2   GLU A N   1 
ATOM   6   C CA  . GLU A 1 2  ? 2.246   10.521  -11.440 1.00 12.94 ? 2   GLU A CA  1 
ATOM   7   C C   . GLU A 1 2  ? 2.015   10.220  -9.954  1.00 13.85 ? 2   GLU A C   1 
ATOM   8   O O   . GLU A 1 2  ? 2.020   11.133  -9.126  1.00 15.70 ? 2   GLU A O   1 
ATOM   9   C CB  . GLU A 1 2  ? 3.712   10.911  -11.735 1.00 13.59 ? 2   GLU A CB  1 
ATOM   10  N N   . TYR A 1 3  ? 1.846   8.947   -9.584  1.00 13.84 ? 3   TYR A N   1 
ATOM   11  C CA  . TYR A 1 3  ? 1.583   8.559   -8.177  1.00 12.93 ? 3   TYR A CA  1 
ATOM   12  C C   . TYR A 1 3  ? 2.557   7.496   -7.742  1.00 13.56 ? 3   TYR A C   1 
ATOM   13  O O   . TYR A 1 3  ? 2.754   6.525   -8.443  1.00 16.26 ? 3   TYR A O   1 
ATOM   14  C CB  . TYR A 1 3  ? 0.148   8.049   -7.980  1.00 13.42 ? 3   TYR A CB  1 
ATOM   15  C CG  . TYR A 1 3  ? -0.843  9.120   -8.285  1.00 14.19 ? 3   TYR A CG  1 
ATOM   16  C CD1 . TYR A 1 3  ? -1.088  10.142  -7.359  1.00 16.01 ? 3   TYR A CD1 1 
ATOM   17  C CD2 . TYR A 1 3  ? -1.468  9.186   -9.530  1.00 14.97 ? 3   TYR A CD2 1 
ATOM   18  C CE1 . TYR A 1 3  ? -1.983  11.220  -7.663  1.00 14.61 ? 3   TYR A CE1 1 
ATOM   19  C CE2 . TYR A 1 3  ? -2.336  10.246  -9.840  1.00 12.19 ? 3   TYR A CE2 1 
ATOM   20  C CZ  . TYR A 1 3  ? -2.603  11.229  -8.883  1.00 15.45 ? 3   TYR A CZ  1 
ATOM   21  O OH  . TYR A 1 3  ? -3.434  12.277  -9.165  1.00 15.28 ? 3   TYR A OH  1 
ATOM   22  N N   . VAL A 1 4  ? 3.179   7.666   -6.571  1.00 11.64 ? 4   VAL A N   1 
ATOM   23  C CA  . VAL A 1 4  ? 4.220   6.796   -6.184  1.00 10.09 ? 4   VAL A CA  1 
ATOM   24  C C   . VAL A 1 4  ? 3.892   6.370   -4.734  1.00 9.82  ? 4   VAL A C   1 
ATOM   25  O O   . VAL A 1 4  ? 3.560   7.188   -3.905  1.00 9.55  ? 4   VAL A O   1 
ATOM   26  C CB  . VAL A 1 4  ? 5.614   7.501   -6.293  1.00 10.34 ? 4   VAL A CB  1 
ATOM   27  C CG1 . VAL A 1 4  ? 6.739   6.660   -5.608  1.00 12.47 ? 4   VAL A CG1 1 
ATOM   28  C CG2 . VAL A 1 4  ? 5.972   7.865   -7.764  1.00 11.91 ? 4   VAL A CG2 1 
ATOM   29  N N   . VAL A 1 5  ? 3.963   5.067   -4.469  1.00 10.34 ? 5   VAL A N   1 
ATOM   30  C CA  . VAL A 1 5  ? 3.826   4.533   -3.106  1.00 10.96 ? 5   VAL A CA  1 
ATOM   31  C C   . VAL A 1 5  ? 5.184   4.717   -2.422  1.00 10.21 ? 5   VAL A C   1 
ATOM   32  O O   . VAL A 1 5  ? 6.198   4.310   -2.976  1.00 11.89 ? 5   VAL A O   1 
ATOM   33  C CB  . VAL A 1 5  ? 3.430   3.039   -3.124  1.00 10.45 ? 5   VAL A CB  1 
ATOM   34  C CG1 . VAL A 1 5  ? 3.352   2.460   -1.745  1.00 10.62 ? 5   VAL A CG1 1 
ATOM   35  C CG2 . VAL A 1 5  ? 2.160   2.836   -3.851  1.00 9.77  ? 5   VAL A CG2 1 
ATOM   36  N N   . GLU A 1 6  ? 5.184   5.358   -1.260  1.00 9.12  ? 6   GLU A N   1 
ATOM   37  C CA  . GLU A 1 6  ? 6.403   5.651   -0.529  1.00 9.31  ? 6   GLU A CA  1 
ATOM   38  C C   . GLU A 1 6  ? 6.641   4.532   0.430   1.00 7.84  ? 6   GLU A C   1 
ATOM   39  O O   . GLU A 1 6  ? 7.800   4.178   0.736   1.00 8.18  ? 6   GLU A O   1 
ATOM   40  C CB  . GLU A 1 6  ? 6.280   6.986   0.233   1.00 8.97  ? 6   GLU A CB  1 
ATOM   41  C CG  . GLU A 1 6  ? 6.717   8.196   -0.580  1.00 10.55 ? 6   GLU A CG  1 
ATOM   42  C CD  . GLU A 1 6  ? 6.620   9.516   0.157   1.00 12.24 ? 6   GLU A CD  1 
ATOM   43  O OE1 . GLU A 1 6  ? 6.167   9.587   1.312   1.00 14.89 ? 6   GLU A OE1 1 
ATOM   44  O OE2 . GLU A 1 6  ? 7.015   10.516  -0.434  1.00 15.36 ? 6   GLU A OE2 1 
ATOM   45  N N   . LYS A 1 7  ? 5.551   3.992   0.979   1.00 8.25  ? 7   LYS A N   1 
ATOM   46  C CA  . LYS A 1 7  ? 5.683   2.943   2.008   1.00 6.60  ? 7   LYS A CA  1 
ATOM   47  C C   . LYS A 1 7  ? 4.413   2.116   2.127   1.00 6.64  ? 7   LYS A C   1 
ATOM   48  O O   . LYS A 1 7  ? 3.310   2.607   2.023   1.00 6.81  ? 7   LYS A O   1 
ATOM   49  C CB  . LYS A 1 7  ? 6.072   3.521   3.362   1.00 4.90  ? 7   LYS A CB  1 
ATOM   50  C CG  . LYS A 1 7  ? 6.583   2.481   4.388   1.00 3.97  ? 7   LYS A CG  1 
ATOM   51  C CD  . LYS A 1 7  ? 7.026   3.164   5.744   1.00 6.05  ? 7   LYS A CD  1 
ATOM   52  C CE  . LYS A 1 7  ? 7.660   2.187   6.638   1.00 6.91  ? 7   LYS A CE  1 
ATOM   53  N NZ  . LYS A 1 7  ? 8.138   2.834   7.901   1.00 11.17 ? 7   LYS A NZ  1 
ATOM   54  N N   . VAL A 1 8  ? 4.625   0.818   2.312   1.00 7.89  ? 8   VAL A N   1 
ATOM   55  C CA  . VAL A 1 8  ? 3.562   -0.139  2.646   1.00 8.09  ? 8   VAL A CA  1 
ATOM   56  C C   . VAL A 1 8  ? 3.490   -0.228  4.175   1.00 8.86  ? 8   VAL A C   1 
ATOM   57  O O   . VAL A 1 8  ? 4.438   -0.731  4.850   1.00 9.44  ? 8   VAL A O   1 
ATOM   58  C CB  . VAL A 1 8  ? 3.765   -1.513  1.930   1.00 8.03  ? 8   VAL A CB  1 
ATOM   59  C CG1 . VAL A 1 8  ? 2.677   -2.444  2.353   1.00 9.51  ? 8   VAL A CG1 1 
ATOM   60  C CG2 . VAL A 1 8  ? 3.648   -1.339  0.425   1.00 9.68  ? 8   VAL A CG2 1 
ATOM   61  N N   . LEU A 1 9  ? 2.389   0.308   4.721   1.00 8.46  ? 9   LEU A N   1 
ATOM   62  C CA  . LEU A 1 9  ? 2.241   0.485   6.158   1.00 9.05  ? 9   LEU A CA  1 
ATOM   63  C C   . LEU A 1 9  ? 1.657   -0.733  6.819   1.00 9.44  ? 9   LEU A C   1 
ATOM   64  O O   . LEU A 1 9  ? 2.033   -1.067  7.972   1.00 9.53  ? 9   LEU A O   1 
ATOM   65  C CB  . LEU A 1 9  ? 1.417   1.721   6.468   1.00 9.94  ? 9   LEU A CB  1 
ATOM   66  C CG  . LEU A 1 9  ? 2.026   2.989   5.878   1.00 7.37  ? 9   LEU A CG  1 
ATOM   67  C CD1 . LEU A 1 9  ? 1.060   4.017   5.905   1.00 14.99 ? 9   LEU A CD1 1 
ATOM   68  C CD2 . LEU A 1 9  ? 3.211   3.440   6.715   1.00 10.34 ? 9   LEU A CD2 1 
ATOM   69  N N   . ASP A 1 10 ? 0.760   -1.411  6.113   1.00 8.13  ? 10  ASP A N   1 
ATOM   70  C CA  . ASP A 1 10 ? -0.044  -2.449  6.730   1.00 8.32  ? 10  ASP A CA  1 
ATOM   71  C C   . ASP A 1 10 ? -0.767  -3.254  5.692   1.00 6.70  ? 10  ASP A C   1 
ATOM   72  O O   . ASP A 1 10 ? -0.826  -2.874  4.547   1.00 5.61  ? 10  ASP A O   1 
ATOM   73  C CB  . ASP A 1 10 ? -1.092  -1.823  7.700   1.00 8.63  ? 10  ASP A CB  1 
ATOM   74  C CG  . ASP A 1 10 ? -1.510  -2.755  8.831   1.00 11.19 ? 10  ASP A CG  1 
ATOM   75  O OD1 . ASP A 1 10 ? -1.075  -3.933  8.885   1.00 13.11 ? 10  ASP A OD1 1 
ATOM   76  O OD2 . ASP A 1 10 ? -2.313  -2.281  9.673   1.00 15.10 ? 10  ASP A OD2 1 
ATOM   77  N N   . ARG A 1 11 ? -1.287  -4.399  6.134   1.00 7.08  ? 11  ARG A N   1 
ATOM   78  C CA  . ARG A 1 11 ? -2.034  -5.342  5.288   1.00 7.46  ? 11  ARG A CA  1 
ATOM   79  C C   . ARG A 1 11 ? -3.247  -5.800  6.088   1.00 6.13  ? 11  ARG A C   1 
ATOM   80  O O   . ARG A 1 11 ? -3.144  -5.988  7.322   1.00 8.12  ? 11  ARG A O   1 
ATOM   81  C CB  . ARG A 1 11 ? -1.172  -6.590  5.002   1.00 7.05  ? 11  ARG A CB  1 
ATOM   82  C CG  . ARG A 1 11 ? -1.821  -7.516  3.990   1.00 8.16  ? 11  ARG A CG  1 
ATOM   83  C CD  . ARG A 1 11 ? -1.043  -8.768  3.822   1.00 7.08  ? 11  ARG A CD  1 
ATOM   84  N NE  . ARG A 1 11 ? -1.122  -9.509  5.061   1.00 6.73  ? 11  ARG A NE  1 
ATOM   85  C CZ  . ARG A 1 11 ? -0.267  -10.459 5.354   1.00 8.83  ? 11  ARG A CZ  1 
ATOM   86  N NH1 . ARG A 1 11 ? 0.689   -10.749 4.479   1.00 12.11 ? 11  ARG A NH1 1 
ATOM   87  N NH2 . ARG A 1 11 ? -0.341  -11.087 6.501   1.00 7.43  ? 11  ARG A NH2 1 
ATOM   88  N N   . ARG A 1 12 ? -4.367  -6.045  5.413   1.00 6.17  ? 12  ARG A N   1 
ATOM   89  C CA  . ARG A 1 12 ? -5.515  -6.647  6.064   1.00 5.09  ? 12  ARG A CA  1 
ATOM   90  C C   . ARG A 1 12 ? -6.102  -7.643  5.127   1.00 6.09  ? 12  ARG A C   1 
ATOM   91  O O   . ARG A 1 12 ? -5.941  -7.545  3.903   1.00 6.12  ? 12  ARG A O   1 
ATOM   92  C CB  . ARG A 1 12 ? -6.555  -5.570  6.439   1.00 5.25  ? 12  ARG A CB  1 
ATOM   93  C CG  . ARG A 1 12 ? -7.277  -4.954  5.295   1.00 4.03  ? 12  ARG A CG  1 
ATOM   94  C CD  . ARG A 1 12 ? -8.093  -3.808  5.823   1.00 4.43  ? 12  ARG A CD  1 
ATOM   95  N NE  . ARG A 1 12 ? -8.830  -3.104  4.757   1.00 7.73  ? 12  ARG A NE  1 
ATOM   96  C CZ  . ARG A 1 12 ? -9.513  -1.985  4.970   1.00 5.17  ? 12  ARG A CZ  1 
ATOM   97  N NH1 . ARG A 1 12 ? -9.547  -1.437  6.206   1.00 3.54  ? 12  ARG A NH1 1 
ATOM   98  N NH2 . ARG A 1 12 ? -10.155 -1.396  3.958   1.00 3.08  ? 12  ARG A NH2 1 
ATOM   99  N N   . VAL A 1 13 ? -6.798  -8.609  5.690   1.00 5.73  ? 13  VAL A N   1 
ATOM   100 C CA  . VAL A 1 13 ? -7.593  -9.543  4.891   1.00 6.76  ? 13  VAL A CA  1 
ATOM   101 C C   . VAL A 1 13 ? -9.026  -9.434  5.367   1.00 7.22  ? 13  VAL A C   1 
ATOM   102 O O   . VAL A 1 13 ? -9.333  -9.803  6.500   1.00 10.35 ? 13  VAL A O   1 
ATOM   103 C CB  . VAL A 1 13 ? -7.077  -11.007 5.020   1.00 5.71  ? 13  VAL A CB  1 
ATOM   104 C CG1 . VAL A 1 13 ? -7.826  -11.884 4.024   1.00 4.89  ? 13  VAL A CG1 1 
ATOM   105 C CG2 . VAL A 1 13 ? -5.588  -11.025 4.726   1.00 5.58  ? 13  VAL A CG2 1 
ATOM   106 N N   . VAL A 1 14 ? -9.880  -8.844  4.567   1.00 6.34  ? 14  VAL A N   1 
ATOM   107 C CA  . VAL A 1 14 ? -11.238 -8.723  5.034   1.00 7.08  ? 14  VAL A CA  1 
ATOM   108 C C   . VAL A 1 14 ? -12.151 -9.419  4.041   1.00 7.73  ? 14  VAL A C   1 
ATOM   109 O O   . VAL A 1 14 ? -12.074 -9.146  2.854   1.00 6.97  ? 14  VAL A O   1 
ATOM   110 C CB  . VAL A 1 14 ? -11.666 -7.250  5.208   1.00 8.08  ? 14  VAL A CB  1 
ATOM   111 C CG1 . VAL A 1 14 ? -10.684 -6.478  6.119   1.00 6.61  ? 14  VAL A CG1 1 
ATOM   112 C CG2 . VAL A 1 14 ? -11.684 -6.568  3.903   1.00 11.31 ? 14  VAL A CG2 1 
ATOM   113 N N   . LYS A 1 15 ? -13.000 -10.324 4.551   1.00 8.71  ? 15  LYS A N   1 
ATOM   114 C CA  . LYS A 1 15 ? -13.835 -11.152 3.711   1.00 8.76  ? 15  LYS A CA  1 
ATOM   115 C C   . LYS A 1 15 ? -13.036 -11.762 2.552   1.00 8.50  ? 15  LYS A C   1 
ATOM   116 O O   . LYS A 1 15 ? -13.507 -11.847 1.394   1.00 9.72  ? 15  LYS A O   1 
ATOM   117 C CB  . LYS A 1 15 ? -15.046 -10.362 3.277   1.00 9.16  ? 15  LYS A CB  1 
ATOM   118 C CG  . LYS A 1 15 ? -16.033 -10.145 4.429   1.00 10.53 ? 15  LYS A CG  1 
ATOM   119 C CD  . LYS A 1 15 ? -17.179 -9.238  3.974   1.00 14.07 ? 15  LYS A CD  1 
ATOM   120 C CE  . LYS A 1 15 ? -17.990 -8.663  5.140   1.00 14.60 ? 15  LYS A CE  1 
ATOM   121 N NZ  . LYS A 1 15 ? -17.181 -7.732  5.969   1.00 14.13 ? 15  LYS A NZ  1 
ATOM   122 N N   . GLY A 1 16 ? -11.842 -12.230 2.913   1.00 7.65  ? 16  GLY A N   1 
ATOM   123 C CA  . GLY A 1 16 ? -10.925 -12.939 2.025   1.00 8.42  ? 16  GLY A CA  1 
ATOM   124 C C   . GLY A 1 16 ? -10.136 -12.098 1.054   1.00 7.91  ? 16  GLY A C   1 
ATOM   125 O O   . GLY A 1 16 ? -9.299  -12.636 0.336   1.00 9.84  ? 16  GLY A O   1 
ATOM   126 N N   . LYS A 1 17 ? -10.409 -10.790 0.998   1.00 6.84  ? 17  LYS A N   1 
ATOM   127 C CA  . LYS A 1 17 ? -9.696  -9.896  0.089   1.00 6.79  ? 17  LYS A CA  1 
ATOM   128 C C   . LYS A 1 17 ? -8.475  -9.278  0.775   1.00 7.20  ? 17  LYS A C   1 
ATOM   129 O O   . LYS A 1 17 ? -8.574  -8.631  1.828   1.00 6.46  ? 17  LYS A O   1 
ATOM   130 C CB  . LYS A 1 17 ? -10.649 -8.833  -0.463  1.00 7.85  ? 17  LYS A CB  1 
ATOM   131 N N   . VAL A 1 18 ? -7.306  -9.484  0.178   1.00 7.32  ? 18  VAL A N   1 
ATOM   132 C CA  . VAL A 1 18 ? -6.080  -8.845  0.698   1.00 5.76  ? 18  VAL A CA  1 
ATOM   133 C C   . VAL A 1 18 ? -5.968  -7.385  0.232   1.00 5.74  ? 18  VAL A C   1 
ATOM   134 O O   . VAL A 1 18 ? -6.163  -7.076  -0.969  1.00 5.12  ? 18  VAL A O   1 
ATOM   135 C CB  . VAL A 1 18 ? -4.796  -9.617  0.340   1.00 4.98  ? 18  VAL A CB  1 
ATOM   136 C CG1 . VAL A 1 18 ? -3.578  -8.950  0.956   1.00 6.73  ? 18  VAL A CG1 1 
ATOM   137 C CG2 . VAL A 1 18 ? -4.842  -11.056 0.856   1.00 3.59  ? 18  VAL A CG2 1 
ATOM   138 N N   . GLU A 1 19 ? -5.715  -6.483  1.192   1.00 4.70  ? 19  GLU A N   1 
ATOM   139 C CA  . GLU A 1 19 ? -5.525  -5.036  0.891   1.00 5.97  ? 19  GLU A CA  1 
ATOM   140 C C   . GLU A 1 19 ? -4.325  -4.540  1.653   1.00 5.52  ? 19  GLU A C   1 
ATOM   141 O O   . GLU A 1 19 ? -4.031  -5.069  2.740   1.00 6.41  ? 19  GLU A O   1 
ATOM   142 C CB  . GLU A 1 19 ? -6.760  -4.247  1.312   1.00 5.67  ? 19  GLU A CB  1 
ATOM   143 C CG  . GLU A 1 19 ? -7.985  -4.585  0.501   1.00 3.91  ? 19  GLU A CG  1 
ATOM   144 C CD  . GLU A 1 19 ? -9.214  -3.740  0.895   1.00 9.31  ? 19  GLU A CD  1 
ATOM   145 O OE1 . GLU A 1 19 ? -9.302  -3.267  2.021   1.00 13.02 ? 19  GLU A OE1 1 
ATOM   146 O OE2 . GLU A 1 19 ? -10.127 -3.584  0.040   1.00 12.81 ? 19  GLU A OE2 1 
ATOM   147 N N   . TYR A 1 20 ? -3.650  -3.542  1.093   1.00 5.97  ? 20  TYR A N   1 
ATOM   148 C CA  . TYR A 1 20 ? -2.464  -2.923  1.735   1.00 6.13  ? 20  TYR A CA  1 
ATOM   149 C C   . TYR A 1 20 ? -2.739  -1.460  1.985   1.00 7.38  ? 20  TYR A C   1 
ATOM   150 O O   . TYR A 1 20 ? -3.380  -0.807  1.144   1.00 7.35  ? 20  TYR A O   1 
ATOM   151 C CB  . TYR A 1 20 ? -1.206  -3.093  0.869   1.00 6.24  ? 20  TYR A CB  1 
ATOM   152 C CG  . TYR A 1 20 ? -0.744  -4.512  0.717   1.00 4.28  ? 20  TYR A CG  1 
ATOM   153 C CD1 . TYR A 1 20 ? 0.116   -5.098  1.650   1.00 4.64  ? 20  TYR A CD1 1 
ATOM   154 C CD2 . TYR A 1 20 ? -1.128  -5.279  -0.399  1.00 3.76  ? 20  TYR A CD2 1 
ATOM   155 C CE1 . TYR A 1 20 ? 0.561   -6.411  1.509   1.00 3.62  ? 20  TYR A CE1 1 
ATOM   156 C CE2 . TYR A 1 20 ? -0.685  -6.647  -0.513  1.00 6.03  ? 20  TYR A CE2 1 
ATOM   157 C CZ  . TYR A 1 20 ? 0.150   -7.164  0.445   1.00 6.33  ? 20  TYR A CZ  1 
ATOM   158 O OH  . TYR A 1 20 ? 0.596   -8.449  0.304   1.00 7.28  ? 20  TYR A OH  1 
ATOM   159 N N   . LEU A 1 21 ? -2.288  -0.978  3.149   1.00 7.44  ? 21  LEU A N   1 
ATOM   160 C CA  . LEU A 1 21 ? -2.316  0.445   3.488   1.00 7.59  ? 21  LEU A CA  1 
ATOM   161 C C   . LEU A 1 21 ? -1.079  1.143   2.894   1.00 7.30  ? 21  LEU A C   1 
ATOM   162 O O   . LEU A 1 21 ? 0.086   0.800   3.203   1.00 8.72  ? 21  LEU A O   1 
ATOM   163 C CB  . LEU A 1 21 ? -2.397  0.642   5.037   1.00 8.05  ? 21  LEU A CB  1 
ATOM   164 C CG  . LEU A 1 21 ? -2.662  2.050   5.611   1.00 6.54  ? 21  LEU A CG  1 
ATOM   165 C CD1 . LEU A 1 21 ? -3.964  2.611   5.124   1.00 6.23  ? 21  LEU A CD1 1 
ATOM   166 C CD2 . LEU A 1 21 ? -2.710  1.897   7.094   1.00 7.86  ? 21  LEU A CD2 1 
ATOM   167 N N   . LEU A 1 22 ? -1.333  2.145   2.055   1.00 8.57  ? 22  LEU A N   1 
ATOM   168 C CA  . LEU A 1 22 ? -0.247  2.795   1.321   1.00 8.04  ? 22  LEU A CA  1 
ATOM   169 C C   . LEU A 1 22 ? -0.103  4.266   1.697   1.00 8.96  ? 22  LEU A C   1 
ATOM   170 O O   . LEU A 1 22 ? -1.105  5.010   1.784   1.00 7.89  ? 22  LEU A O   1 
ATOM   171 C CB  . LEU A 1 22 ? -0.485  2.672   -0.205  1.00 9.12  ? 22  LEU A CB  1 
ATOM   172 C CG  . LEU A 1 22 ? -0.717  1.244   -0.738  1.00 7.76  ? 22  LEU A CG  1 
ATOM   173 C CD1 . LEU A 1 22 ? -0.796  1.230   -2.256  1.00 6.04  ? 22  LEU A CD1 1 
ATOM   174 C CD2 . LEU A 1 22 ? 0.357   0.262   -0.252  1.00 6.44  ? 22  LEU A CD2 1 
ATOM   175 N N   . LYS A 1 23 ? 1.156   4.669   1.905   1.00 7.80  ? 23  LYS A N   1 
ATOM   176 C CA  . LYS A 1 23 ? 1.517   6.068   2.051   1.00 7.50  ? 23  LYS A CA  1 
ATOM   177 C C   . LYS A 1 23 ? 1.911   6.593   0.679   1.00 6.84  ? 23  LYS A C   1 
ATOM   178 O O   . LYS A 1 23 ? 2.757   6.008   0.037   1.00 8.60  ? 23  LYS A O   1 
ATOM   179 C CB  . LYS A 1 23 ? 2.664   6.202   3.082   1.00 7.28  ? 23  LYS A CB  1 
ATOM   180 C CG  . LYS A 1 23 ? 3.306   7.665   3.195   1.00 9.21  ? 23  LYS A CG  1 
ATOM   181 C CD  . LYS A 1 23 ? 2.317   8.829   3.164   1.00 11.05 ? 23  LYS A CD  1 
ATOM   182 C CE  . LYS A 1 23 ? 3.006   10.211  3.417   1.00 6.28  ? 23  LYS A CE  1 
ATOM   183 N NZ  . LYS A 1 23 ? 3.583   10.752  2.238   1.00 7.67  ? 23  LYS A NZ  1 
ATOM   184 N N   . TRP A 1 24 ? 1.346   7.719   0.246   1.00 6.33  ? 24  TRP A N   1 
ATOM   185 C CA  . TRP A 1 24 ? 1.615   8.219   -1.087  1.00 5.98  ? 24  TRP A CA  1 
ATOM   186 C C   . TRP A 1 24 ? 2.573   9.387   -1.124  1.00 5.04  ? 24  TRP A C   1 
ATOM   187 O O   . TRP A 1 24 ? 2.435   10.300  -0.359  1.00 4.50  ? 24  TRP A O   1 
ATOM   188 C CB  . TRP A 1 24 ? 0.296   8.649   -1.764  1.00 6.27  ? 24  TRP A CB  1 
ATOM   189 C CG  . TRP A 1 24 ? -0.681  7.495   -2.008  1.00 8.23  ? 24  TRP A CG  1 
ATOM   190 C CD1 . TRP A 1 24 ? -1.735  7.136   -1.222  1.00 7.59  ? 24  TRP A CD1 1 
ATOM   191 C CD2 . TRP A 1 24 ? -0.656  6.565   -3.105  1.00 6.37  ? 24  TRP A CD2 1 
ATOM   192 N NE1 . TRP A 1 24 ? -2.372  6.051   -1.761  1.00 5.38  ? 24  TRP A NE1 1 
ATOM   193 C CE2 . TRP A 1 24 ? -1.735  5.682   -2.923  1.00 7.34  ? 24  TRP A CE2 1 
ATOM   194 C CE3 . TRP A 1 24 ? 0.156   6.412   -4.223  1.00 7.28  ? 24  TRP A CE3 1 
ATOM   195 C CZ2 . TRP A 1 24 ? -1.981  4.607   -3.794  1.00 8.70  ? 24  TRP A CZ2 1 
ATOM   196 C CZ3 . TRP A 1 24 ? -0.120  5.370   -5.130  1.00 8.72  ? 24  TRP A CZ3 1 
ATOM   197 C CH2 . TRP A 1 24 ? -1.177  4.483   -4.903  1.00 7.55  ? 24  TRP A CH2 1 
ATOM   198 N N   . LYS A 1 25 ? 3.472   9.405   -2.101  1.00 4.62  ? 25  LYS A N   1 
ATOM   199 C CA  . LYS A 1 25 ? 4.389   10.542  -2.328  1.00 5.54  ? 25  LYS A CA  1 
ATOM   200 C C   . LYS A 1 25 ? 3.599   11.839  -2.650  1.00 5.65  ? 25  LYS A C   1 
ATOM   201 O O   . LYS A 1 25 ? 2.723   11.868  -3.560  1.00 5.52  ? 25  LYS A O   1 
ATOM   202 C CB  . LYS A 1 25 ? 5.394   10.210  -3.444  1.00 5.74  ? 25  LYS A CB  1 
ATOM   203 C CG  . LYS A 1 25 ? 6.499   11.250  -3.607  1.00 5.04  ? 25  LYS A CG  1 
ATOM   204 C CD  . LYS A 1 25 ? 7.394   11.007  -4.814  1.00 7.94  ? 25  LYS A CD  1 
ATOM   205 C CE  . LYS A 1 25 ? 8.391   9.866   -4.597  1.00 11.66 ? 25  LYS A CE  1 
ATOM   206 N NZ  . LYS A 1 25 ? 9.189   10.058  -3.341  1.00 15.52 ? 25  LYS A NZ  1 
ATOM   207 N N   . GLY A 1 26 ? 3.887   12.883  -1.878  1.00 6.08  ? 26  GLY A N   1 
ATOM   208 C CA  . GLY A 1 26 ? 3.316   14.230  -2.095  1.00 6.04  ? 26  GLY A CA  1 
ATOM   209 C C   . GLY A 1 26 ? 1.928   14.377  -1.533  1.00 5.44  ? 26  GLY A C   1 
ATOM   210 O O   . GLY A 1 26 ? 1.222   15.308  -1.873  1.00 5.66  ? 26  GLY A O   1 
ATOM   211 N N   . PHE A 1 27 ? 1.507   13.397  -0.740  1.00 5.97  ? 27  PHE A N   1 
ATOM   212 C CA  . PHE A 1 27 ? 0.256   13.477  -0.020  1.00 6.53  ? 27  PHE A CA  1 
ATOM   213 C C   . PHE A 1 27 ? 0.477   13.340  1.476   1.00 5.85  ? 27  PHE A C   1 
ATOM   214 O O   . PHE A 1 27 ? 1.467   12.792  1.923   1.00 5.96  ? 27  PHE A O   1 
ATOM   215 C CB  . PHE A 1 27 ? -0.681  12.369  -0.481  1.00 8.04  ? 27  PHE A CB  1 
ATOM   216 C CG  . PHE A 1 27 ? -1.173  12.557  -1.890  1.00 10.53 ? 27  PHE A CG  1 
ATOM   217 C CD1 . PHE A 1 27 ? -2.423  13.106  -2.132  1.00 17.61 ? 27  PHE A CD1 1 
ATOM   218 C CD2 . PHE A 1 27 ? -0.354  12.225  -2.985  1.00 14.44 ? 27  PHE A CD2 1 
ATOM   219 C CE1 . PHE A 1 27 ? -2.877  13.321  -3.439  1.00 18.71 ? 27  PHE A CE1 1 
ATOM   220 C CE2 . PHE A 1 27 ? -0.778  12.442  -4.312  1.00 12.05 ? 27  PHE A CE2 1 
ATOM   221 C CZ  . PHE A 1 27 ? -2.047  12.982  -4.536  1.00 18.40 ? 27  PHE A CZ  1 
ATOM   222 N N   . SER A 1 28 ? -0.503  13.792  2.229   1.00 6.83  ? 28  SER A N   1 
ATOM   223 C CA  . SER A 1 28 ? -0.461  13.747  3.659   1.00 7.24  ? 28  SER A CA  1 
ATOM   224 C C   . SER A 1 28 ? -0.632  12.317  4.109   1.00 7.31  ? 28  SER A C   1 
ATOM   225 O O   . SER A 1 28 ? -1.238  11.506  3.408   1.00 5.82  ? 28  SER A O   1 
ATOM   226 C CB  . SER A 1 28 ? -1.635  14.521  4.190   1.00 6.74  ? 28  SER A CB  1 
ATOM   227 O OG  . SER A 1 28 ? -1.727  14.282  5.578   1.00 9.85  ? 28  SER A OG  1 
ATOM   228 N N   . ASP A 1 29 ? -0.157  12.044  5.322   1.00 7.64  ? 29  ASP A N   1 
ATOM   229 C CA  . ASP A 1 29 ? -0.448  10.799  5.996   1.00 8.37  ? 29  ASP A CA  1 
ATOM   230 C C   . ASP A 1 29 ? -1.967  10.589  6.172   1.00 8.01  ? 29  ASP A C   1 
ATOM   231 O O   . ASP A 1 29 ? -2.440  9.451   6.169   1.00 9.77  ? 29  ASP A O   1 
ATOM   232 C CB  . ASP A 1 29 ? 0.245   10.840  7.343   1.00 9.29  ? 29  ASP A CB  1 
ATOM   233 C CG  . ASP A 1 29 ? 1.760   10.964  7.209   1.00 9.73  ? 29  ASP A CG  1 
ATOM   234 O OD1 . ASP A 1 29 ? 2.439   9.933   6.944   1.00 11.02 ? 29  ASP A OD1 1 
ATOM   235 O OD2 . ASP A 1 29 ? 2.247   12.084  7.363   1.00 13.25 ? 29  ASP A OD2 1 
ATOM   236 N N   . GLU A 1 30 ? -2.724  11.690  6.314   1.00 7.85  ? 30  GLU A N   1 
ATOM   237 C CA  . GLU A 1 30 ? -4.209  11.667  6.324   1.00 6.58  ? 30  GLU A CA  1 
ATOM   238 C C   . GLU A 1 30 ? -4.848  11.020  5.074   1.00 6.72  ? 30  GLU A C   1 
ATOM   239 O O   . GLU A 1 30 ? -5.966  10.545  5.129   1.00 8.11  ? 30  GLU A O   1 
ATOM   240 C CB  . GLU A 1 30 ? -4.782  13.091  6.572   1.00 6.34  ? 30  GLU A CB  1 
ATOM   241 N N   . ASP A 1 31 ? -4.154  11.005  3.951   1.00 6.24  ? 31  ASP A N   1 
ATOM   242 C CA  . ASP A 1 31 ? -4.690  10.442  2.714   1.00 6.13  ? 31  ASP A CA  1 
ATOM   243 C C   . ASP A 1 31 ? -4.130  9.045   2.333   1.00 6.55  ? 31  ASP A C   1 
ATOM   244 O O   . ASP A 1 31 ? -4.204  8.624   1.177   1.00 7.79  ? 31  ASP A O   1 
ATOM   245 C CB  . ASP A 1 31 ? -4.453  11.393  1.577   1.00 6.55  ? 31  ASP A CB  1 
ATOM   246 C CG  . ASP A 1 31 ? -5.270  12.668  1.693   1.00 6.93  ? 31  ASP A CG  1 
ATOM   247 O OD1 . ASP A 1 31 ? -6.248  12.696  2.465   1.00 10.58 ? 31  ASP A OD1 1 
ATOM   248 O OD2 . ASP A 1 31 ? -4.915  13.652  1.025   1.00 9.03  ? 31  ASP A OD2 1 
ATOM   249 N N   . ASN A 1 32 ? -3.576  8.329   3.300   1.00 5.68  ? 32  ASN A N   1 
ATOM   250 C CA  . ASN A 1 32 ? -3.206  6.927   3.084   1.00 5.83  ? 32  ASN A CA  1 
ATOM   251 C C   . ASN A 1 32 ? -4.446  6.174   2.637   1.00 5.65  ? 32  ASN A C   1 
ATOM   252 O O   . ASN A 1 32 ? -5.549  6.542   3.022   1.00 6.93  ? 32  ASN A O   1 
ATOM   253 C CB  . ASN A 1 32 ? -2.650  6.318   4.373   1.00 4.68  ? 32  ASN A CB  1 
ATOM   254 C CG  . ASN A 1 32 ? -1.307  6.948   4.794   1.00 6.75  ? 32  ASN A CG  1 
ATOM   255 O OD1 . ASN A 1 32 ? -0.663  7.673   4.034   1.00 9.14  ? 32  ASN A OD1 1 
ATOM   256 N ND2 . ASN A 1 32 ? -0.888  6.663   6.023   1.00 12.59 ? 32  ASN A ND2 1 
ATOM   257 N N   . THR A 1 33 ? -4.301  5.214   1.746   1.00 6.52  ? 33  THR A N   1 
ATOM   258 C CA  . THR A 1 33 ? -5.459  4.455   1.281   1.00 6.86  ? 33  THR A CA  1 
ATOM   259 C C   . THR A 1 33 ? -5.209  2.937   1.376   1.00 7.29  ? 33  THR A C   1 
ATOM   260 O O   . THR A 1 33 ? -4.064  2.464   1.207   1.00 9.23  ? 33  THR A O   1 
ATOM   261 C CB  . THR A 1 33 ? -5.834  4.810   -0.153  1.00 7.02  ? 33  THR A CB  1 
ATOM   262 O OG1 . THR A 1 33 ? -4.784  4.379   -0.999  1.00 8.22  ? 33  THR A OG1 1 
ATOM   263 C CG2 . THR A 1 33 ? -6.052  6.330   -0.344  1.00 8.77  ? 33  THR A CG2 1 
ATOM   264 N N   . TRP A 1 34 ? -6.279  2.176   1.628   1.00 7.10  ? 34  TRP A N   1 
ATOM   265 C CA  . TRP A 1 34 ? -6.230  0.729   1.515   1.00 6.47  ? 34  TRP A CA  1 
ATOM   266 C C   . TRP A 1 34 ? -6.504  0.305   0.083   1.00 5.86  ? 34  TRP A C   1 
ATOM   267 O O   . TRP A 1 34 ? -7.520  0.698   -0.485  1.00 7.64  ? 34  TRP A O   1 
ATOM   268 C CB  . TRP A 1 34 ? -7.302  0.146   2.395   1.00 5.68  ? 34  TRP A CB  1 
ATOM   269 C CG  . TRP A 1 34 ? -6.997  0.247   3.855   1.00 4.78  ? 34  TRP A CG  1 
ATOM   270 C CD1 . TRP A 1 34 ? -7.497  1.132   4.721   1.00 4.29  ? 34  TRP A CD1 1 
ATOM   271 C CD2 . TRP A 1 34 ? -6.196  -0.655  4.598   1.00 6.87  ? 34  TRP A CD2 1 
ATOM   272 N NE1 . TRP A 1 34 ? -7.003  0.897   5.996   1.00 7.05  ? 34  TRP A NE1 1 
ATOM   273 C CE2 . TRP A 1 34 ? -6.192  -0.212  5.935   1.00 6.52  ? 34  TRP A CE2 1 
ATOM   274 C CE3 . TRP A 1 34 ? -5.449  -1.788  4.256   1.00 6.62  ? 34  TRP A CE3 1 
ATOM   275 C CZ2 . TRP A 1 34 ? -5.509  -0.904  6.953   1.00 6.68  ? 34  TRP A CZ2 1 
ATOM   276 C CZ3 . TRP A 1 34 ? -4.763  -2.456  5.259   1.00 4.99  ? 34  TRP A CZ3 1 
ATOM   277 C CH2 . TRP A 1 34 ? -4.809  -2.023  6.583   1.00 5.40  ? 34  TRP A CH2 1 
ATOM   278 N N   . GLU A 1 35 ? -5.596  -0.487  -0.506  1.00 5.73  ? 35  GLU A N   1 
ATOM   279 C CA  . GLU A 1 35 ? -5.682  -0.809  -1.938  1.00 7.13  ? 35  GLU A CA  1 
ATOM   280 C C   . GLU A 1 35 ? -5.699  -2.298  -2.117  1.00 6.08  ? 35  GLU A C   1 
ATOM   281 O O   . GLU A 1 35 ? -4.927  -2.976  -1.445  1.00 6.84  ? 35  GLU A O   1 
ATOM   282 C CB  . GLU A 1 35 ? -4.470  -0.266  -2.721  1.00 7.52  ? 35  GLU A CB  1 
ATOM   283 C CG  . GLU A 1 35 ? -4.345  1.284   -2.761  1.00 8.25  ? 35  GLU A CG  1 
ATOM   284 C CD  . GLU A 1 35 ? -5.482  1.973   -3.448  1.00 9.15  ? 35  GLU A CD  1 
ATOM   285 O OE1 . GLU A 1 35 ? -6.166  1.349   -4.274  1.00 8.77  ? 35  GLU A OE1 1 
ATOM   286 O OE2 . GLU A 1 35 ? -5.734  3.156   -3.121  1.00 11.68 ? 35  GLU A OE2 1 
ATOM   287 N N   . PRO A 1 36 ? -6.551  -2.821  -3.030  1.00 6.55  ? 36  PRO A N   1 
ATOM   288 C CA  . PRO A 1 36 ? -6.532  -4.283  -3.228  1.00 7.27  ? 36  PRO A CA  1 
ATOM   289 C C   . PRO A 1 36 ? -5.154  -4.752  -3.761  1.00 7.55  ? 36  PRO A C   1 
ATOM   290 O O   . PRO A 1 36 ? -4.555  -4.052  -4.564  1.00 7.01  ? 36  PRO A O   1 
ATOM   291 C CB  . PRO A 1 36 ? -7.620  -4.521  -4.289  1.00 7.31  ? 36  PRO A CB  1 
ATOM   292 C CG  . PRO A 1 36 ? -8.407  -3.267  -4.302  1.00 8.76  ? 36  PRO A CG  1 
ATOM   293 C CD  . PRO A 1 36 ? -7.521  -2.156  -3.931  1.00 6.24  ? 36  PRO A CD  1 
ATOM   294 N N   . GLU A 1 37 ? -4.676  -5.916  -3.319  1.00 6.07  ? 37  GLU A N   1 
ATOM   295 C CA  . GLU A 1 37 ? -3.382  -6.432  -3.763  1.00 6.85  ? 37  GLU A CA  1 
ATOM   296 C C   . GLU A 1 37 ? -3.255  -6.693  -5.258  1.00 8.84  ? 37  GLU A C   1 
ATOM   297 O O   . GLU A 1 37 ? -2.127  -6.625  -5.772  1.00 8.21  ? 37  GLU A O   1 
ATOM   298 C CB  . GLU A 1 37 ? -3.014  -7.732  -3.022  1.00 9.48  ? 37  GLU A CB  1 
ATOM   299 C CG  . GLU A 1 37 ? -3.691  -8.926  -3.529  1.00 10.43 ? 37  GLU A CG  1 
ATOM   300 C CD  . GLU A 1 37 ? -3.211  -10.225 -2.890  1.00 9.01  ? 37  GLU A CD  1 
ATOM   301 O OE1 . GLU A 1 37 ? -2.076  -10.261 -2.338  1.00 9.05  ? 37  GLU A OE1 1 
ATOM   302 O OE2 . GLU A 1 37 ? -3.999  -11.190 -2.966  1.00 10.35 ? 37  GLU A OE2 1 
ATOM   303 N N   . GLU A 1 38 ? -4.372  -7.012  -5.919  1.00 7.84  ? 38  GLU A N   1 
ATOM   304 C CA  . GLU A 1 38 ? -4.362  -7.343  -7.342  1.00 12.10 ? 38  GLU A CA  1 
ATOM   305 C C   . GLU A 1 38 ? -3.463  -6.418  -8.196  1.00 13.47 ? 38  GLU A C   1 
ATOM   306 O O   . GLU A 1 38 ? -2.730  -6.913  -9.086  1.00 15.20 ? 38  GLU A O   1 
ATOM   307 C CB  . GLU A 1 38 ? -5.799  -7.376  -7.885  1.00 12.49 ? 38  GLU A CB  1 
ATOM   308 N N   . ASN A 1 39 ? -3.546  -5.091  -7.962  1.00 14.28 ? 39  ASN A N   1 
ATOM   309 C CA  . ASN A 1 39 ? -2.768  -4.046  -8.639  1.00 14.22 ? 39  ASN A CA  1 
ATOM   310 C C   . ASN A 1 39 ? -1.434  -3.579  -8.017  1.00 14.32 ? 39  ASN A C   1 
ATOM   311 O O   . ASN A 1 39 ? -0.634  -2.864  -8.660  1.00 14.59 ? 39  ASN A O   1 
ATOM   312 C CB  . ASN A 1 39 ? -3.680  -2.838  -8.814  1.00 14.80 ? 39  ASN A CB  1 
ATOM   313 C CG  . ASN A 1 39 ? -4.882  -2.882  -7.888  1.00 14.63 ? 39  ASN A CG  1 
ATOM   314 O OD1 . ASN A 1 39 ? -6.018  -3.061  -8.326  1.00 19.83 ? 39  ASN A OD1 1 
ATOM   315 N ND2 . ASN A 1 39 ? -4.639  -2.715  -6.608  1.00 15.81 ? 39  ASN A ND2 1 
ATOM   316 N N   . LEU A 1 40 ? -1.199  -3.933  -6.771  1.00 13.61 ? 40  LEU A N   1 
ATOM   317 C CA  . LEU A 1 40 ? 0.034   -3.559  -6.087  1.00 14.01 ? 40  LEU A CA  1 
ATOM   318 C C   . LEU A 1 40 ? 1.261   -4.404  -6.534  1.00 14.87 ? 40  LEU A C   1 
ATOM   319 O O   . LEU A 1 40 ? 1.750   -5.325  -5.836  1.00 14.57 ? 40  LEU A O   1 
ATOM   320 C CB  . LEU A 1 40 ? -0.176  -3.544  -4.576  1.00 13.46 ? 40  LEU A CB  1 
ATOM   321 N N   . ASP A 1 41 ? 1.743   -4.062  -7.731  1.00 15.44 ? 41  ASP A N   1 
ATOM   322 C CA  . ASP A 1 41 ? 2.887   -4.727  -8.337  1.00 16.47 ? 41  ASP A CA  1 
ATOM   323 C C   . ASP A 1 41 ? 4.197   -4.096  -7.839  1.00 16.46 ? 41  ASP A C   1 
ATOM   324 O O   . ASP A 1 41 ? 4.887   -3.471  -8.651  1.00 17.36 ? 41  ASP A O   1 
ATOM   325 C CB  . ASP A 1 41 ? 2.784   -4.556  -9.866  1.00 16.09 ? 41  ASP A CB  1 
ATOM   326 N N   . CYS A 1 42 ? 4.538   -4.269  -6.549  1.00 16.72 ? 42  CYS A N   1 
ATOM   327 C CA  . CYS A 1 42 ? 5.563   -3.469  -5.855  1.00 16.36 ? 42  CYS A CA  1 
ATOM   328 C C   . CYS A 1 42 ? 6.422   -4.327  -4.864  1.00 17.22 ? 42  CYS A C   1 
ATOM   329 O O   . CYS A 1 42 ? 6.238   -4.251  -3.631  1.00 17.30 ? 42  CYS A O   1 
ATOM   330 C CB  . CYS A 1 42 ? 4.872   -2.341  -5.088  1.00 16.58 ? 42  CYS A CB  1 
ATOM   331 S SG  . CYS A 1 42 ? 3.741   -1.235  -6.104  1.00 15.54 ? 42  CYS A SG  1 
ATOM   332 N N   . PRO A 1 43 ? 7.389   -5.116  -5.386  1.00 17.08 ? 43  PRO A N   1 
ATOM   333 C CA  . PRO A 1 43 ? 8.101   -6.085  -4.513  1.00 17.20 ? 43  PRO A CA  1 
ATOM   334 C C   . PRO A 1 43 ? 9.018   -5.469  -3.403  1.00 16.74 ? 43  PRO A C   1 
ATOM   335 O O   . PRO A 1 43 ? 9.084   -5.998  -2.295  1.00 15.02 ? 43  PRO A O   1 
ATOM   336 C CB  . PRO A 1 43 ? 8.878   -6.946  -5.511  1.00 15.88 ? 43  PRO A CB  1 
ATOM   337 C CG  . PRO A 1 43 ? 9.060   -6.112  -6.682  1.00 15.48 ? 43  PRO A CG  1 
ATOM   338 C CD  . PRO A 1 43 ? 7.892   -5.180  -6.775  1.00 16.95 ? 43  PRO A CD  1 
ATOM   339 N N   . ASP A 1 44 ? 9.700   -4.359  -3.707  1.00 17.95 ? 44  ASP A N   1 
ATOM   340 C CA  . ASP A 1 44 ? 10.678  -3.751  -2.768  1.00 18.35 ? 44  ASP A CA  1 
ATOM   341 C C   . ASP A 1 44 ? 9.917   -3.162  -1.591  1.00 18.60 ? 44  ASP A C   1 
ATOM   342 O O   . ASP A 1 44 ? 10.347  -3.299  -0.426  1.00 19.32 ? 44  ASP A O   1 
ATOM   343 C CB  . ASP A 1 44 ? 11.585  -2.713  -3.455  1.00 17.84 ? 44  ASP A CB  1 
ATOM   344 N N   . LEU A 1 45 ? 8.775   -2.530  -1.906  1.00 18.33 ? 45  LEU A N   1 
ATOM   345 C CA  . LEU A 1 45 ? 7.852   -1.996  -0.914  1.00 17.20 ? 45  LEU A CA  1 
ATOM   346 C C   . LEU A 1 45 ? 7.172   -3.076  -0.059  1.00 17.13 ? 45  LEU A C   1 
ATOM   347 O O   . LEU A 1 45 ? 7.089   -2.915  1.154   1.00 16.77 ? 45  LEU A O   1 
ATOM   348 C CB  . LEU A 1 45 ? 6.827   -1.091  -1.591  1.00 16.77 ? 45  LEU A CB  1 
ATOM   349 C CG  . LEU A 1 45 ? 7.465   0.215   -2.046  1.00 15.82 ? 45  LEU A CG  1 
ATOM   350 C CD1 . LEU A 1 45 ? 6.557   0.890   -3.052  1.00 12.80 ? 45  LEU A CD1 1 
ATOM   351 C CD2 . LEU A 1 45 ? 7.806   1.123   -0.873  1.00 13.84 ? 45  LEU A CD2 1 
ATOM   352 N N   . ILE A 1 46 ? 6.737   -4.183  -0.672  1.00 16.36 ? 46  ILE A N   1 
ATOM   353 C CA  . ILE A 1 46 ? 6.032   -5.225  0.078   1.00 16.02 ? 46  ILE A CA  1 
ATOM   354 C C   . ILE A 1 46 ? 6.981   -5.975  1.040   1.00 16.47 ? 46  ILE A C   1 
ATOM   355 O O   . ILE A 1 46 ? 6.675   -6.123  2.237   1.00 17.20 ? 46  ILE A O   1 
ATOM   356 C CB  . ILE A 1 46 ? 5.272   -6.199  -0.842  1.00 15.91 ? 46  ILE A CB  1 
ATOM   357 C CG1 . ILE A 1 46 ? 4.048   -5.485  -1.448  1.00 15.63 ? 46  ILE A CG1 1 
ATOM   358 C CG2 . ILE A 1 46 ? 4.900   -7.444  -0.040  1.00 14.35 ? 46  ILE A CG2 1 
ATOM   359 C CD1 . ILE A 1 46 ? 3.368   -6.190  -2.553  1.00 14.80 ? 46  ILE A CD1 1 
ATOM   360 N N   . ALA A 1 47 ? 8.141   -6.374  0.500   1.00 15.54 ? 47  ALA A N   1 
ATOM   361 C CA  . ALA A 1 47 ? 9.250   -6.990  1.234   1.00 14.55 ? 47  ALA A CA  1 
ATOM   362 C C   . ALA A 1 47 ? 9.660   -6.155  2.432   1.00 13.90 ? 47  ALA A C   1 
ATOM   363 O O   . ALA A 1 47 ? 9.835   -6.690  3.506   1.00 11.82 ? 47  ALA A O   1 
ATOM   364 C CB  . ALA A 1 47 ? 10.408  -7.199  0.331   1.00 14.43 ? 47  ALA A CB  1 
ATOM   365 N N   . GLU A 1 48 ? 9.797   -4.831  2.232   1.00 14.38 ? 48  GLU A N   1 
ATOM   366 C CA  . GLU A 1 48 ? 9.970   -3.848  3.314   1.00 14.50 ? 48  GLU A CA  1 
ATOM   367 C C   . GLU A 1 48 ? 8.956   -4.118  4.448   1.00 15.06 ? 48  GLU A C   1 
ATOM   368 O O   . GLU A 1 48 ? 9.346   -4.277  5.630   1.00 15.24 ? 48  GLU A O   1 
ATOM   369 C CB  . GLU A 1 48 ? 9.783   -2.426  2.777   1.00 14.65 ? 48  GLU A CB  1 
ATOM   370 N N   . PHE A 1 49 ? 7.669   -4.229  4.063   1.00 14.99 ? 49  PHE A N   1 
ATOM   371 C CA  . PHE A 1 49 ? 6.550   -4.435  4.994   1.00 14.27 ? 49  PHE A CA  1 
ATOM   372 C C   . PHE A 1 49 ? 6.700   -5.829  5.643   1.00 15.16 ? 49  PHE A C   1 
ATOM   373 O O   . PHE A 1 49 ? 6.732   -5.947  6.879   1.00 16.08 ? 49  PHE A O   1 
ATOM   374 C CB  . PHE A 1 49 ? 5.181   -4.195  4.298   1.00 14.18 ? 49  PHE A CB  1 
ATOM   375 C CG  . PHE A 1 49 ? 4.068   -4.734  5.053   1.00 14.18 ? 49  PHE A CG  1 
ATOM   376 C CD1 . PHE A 1 49 ? 3.695   -4.150  6.239   1.00 14.24 ? 49  PHE A CD1 1 
ATOM   377 C CD2 . PHE A 1 49 ? 3.454   -5.895  4.647   1.00 15.80 ? 49  PHE A CD2 1 
ATOM   378 C CE1 . PHE A 1 49 ? 2.686   -4.690  7.006   1.00 15.17 ? 49  PHE A CE1 1 
ATOM   379 C CE2 . PHE A 1 49 ? 2.463   -6.472  5.408   1.00 18.00 ? 49  PHE A CE2 1 
ATOM   380 C CZ  . PHE A 1 49 ? 2.067   -5.869  6.594   1.00 16.54 ? 49  PHE A CZ  1 
ATOM   381 N N   . LEU A 1 50 ? 6.886   -6.872  4.835   1.00 13.92 ? 50  LEU A N   1 
ATOM   382 C CA  . LEU A 1 50 ? 7.149   -8.189  5.427   1.00 15.41 ? 50  LEU A CA  1 
ATOM   383 C C   . LEU A 1 50 ? 8.252   -8.237  6.487   1.00 15.50 ? 50  LEU A C   1 
ATOM   384 O O   . LEU A 1 50 ? 8.068   -8.899  7.517   1.00 16.23 ? 50  LEU A O   1 
ATOM   385 C CB  . LEU A 1 50 ? 7.360   -9.262  4.364   1.00 14.62 ? 50  LEU A CB  1 
ATOM   386 C CG  . LEU A 1 50 ? 6.185   -9.264  3.373   1.00 14.45 ? 50  LEU A CG  1 
ATOM   387 C CD1 . LEU A 1 50 ? 6.511   -10.187 2.241   1.00 14.08 ? 50  LEU A CD1 1 
ATOM   388 C CD2 . LEU A 1 50 ? 4.854   -9.622  4.017   1.00 14.22 ? 50  LEU A CD2 1 
ATOM   389 N N   . GLN A 1 51 ? 9.384   -7.555  6.263   1.00 16.67 ? 51  GLN A N   1 
ATOM   390 C CA  . GLN A 1 51 ? 10.499  -7.591  7.234   1.00 16.68 ? 51  GLN A CA  1 
ATOM   391 C C   . GLN A 1 51 ? 10.210  -6.801  8.525   1.00 17.10 ? 51  GLN A C   1 
ATOM   392 O O   . GLN A 1 51 ? 9.358   -5.891  8.548   1.00 16.26 ? 51  GLN A O   1 
ATOM   393 C CB  . GLN A 1 51 ? 11.818  -7.151  6.582   1.00 16.85 ? 51  GLN A CB  1 
HETATM 394 O O   . HOH B 2 .  ? -8.950  3.795   1.705   1.00 22.69 ? 56  HOH A O   1 
HETATM 395 O O   . HOH B 2 .  ? -11.333 1.246   4.878   1.00 23.38 ? 57  HOH A O   1 
HETATM 396 O O   . HOH B 2 .  ? 7.286   -0.471  2.477   1.00 22.49 ? 58  HOH A O   1 
HETATM 397 O O   . HOH B 2 .  ? 4.167   13.387  3.694   1.00 30.85 ? 59  HOH A O   1 
HETATM 398 O O   . HOH B 2 .  ? 2.351   10.323  -5.578  1.00 23.15 ? 60  HOH A O   1 
HETATM 399 O O   . HOH B 2 .  ? -7.562  3.085   -5.052  1.00 28.25 ? 61  HOH A O   1 
HETATM 400 O O   . HOH B 2 .  ? -2.957  -9.022  7.328   1.00 27.20 ? 62  HOH A O   1 
HETATM 401 O O   . HOH B 2 .  ? -8.180  2.866   7.738   1.00 38.46 ? 63  HOH A O   1 
HETATM 402 O O   . HOH B 2 .  ? -6.843  -10.729 -2.462  1.00 31.65 ? 64  HOH A O   1 
HETATM 403 O O   . HOH B 2 .  ? 4.579   12.520  6.146   1.00 31.02 ? 65  HOH A O   1 
HETATM 404 O O   . HOH B 2 .  ? -0.449  -8.273  -9.616  1.00 22.70 ? 66  HOH A O   1 
HETATM 405 O O   . HOH B 2 .  ? -12.894 -6.742  1.559   1.00 33.04 ? 67  HOH A O   1 
HETATM 406 O O   . HOH B 2 .  ? 0.318   -8.214  -6.596  1.00 37.54 ? 68  HOH A O   1 
HETATM 407 O O   . HOH B 2 .  ? -8.093  -7.465  -2.490  1.00 26.95 ? 69  HOH A O   1 
HETATM 408 O O   . HOH B 2 .  ? -11.987 -4.181  2.677   1.00 30.15 ? 70  HOH A O   1 
HETATM 409 O O   . HOH B 2 .  ? -7.251  13.159  9.891   1.00 40.05 ? 106 HOH A O   1 
HETATM 410 O O   . HOH B 2 .  ? 1.576   7.689   7.115   1.00 48.52 ? 107 HOH A O   1 
HETATM 411 O O   . HOH B 2 .  ? -2.588  15.214  1.015   1.00 28.35 ? 113 HOH A O   1 
HETATM 412 O O   . HOH B 2 .  ? -0.797  9.189   1.767   1.00 21.04 ? 115 HOH A O   1 
HETATM 413 O O   . HOH B 2 .  ? 7.124   -17.769 2.504   1.00 49.56 ? 121 HOH A O   1 
HETATM 414 O O   . HOH B 2 .  ? 4.753   11.746  -7.466  1.00 33.74 ? 127 HOH A O   1 
HETATM 415 O O   . HOH B 2 .  ? -10.936 1.270   6.738   1.00 24.26 ? 128 HOH A O   1 
HETATM 416 O O   . HOH B 2 .  ? -4.125  -4.125  9.808   1.00 45.60 ? 129 HOH A O   1 
HETATM 417 O O   . HOH B 2 .  ? 5.376   13.089  0.593   1.00 32.49 ? 130 HOH A O   1 
HETATM 418 O O   . HOH B 2 .  ? -7.152  -1.426  -10.193 1.00 45.35 ? 132 HOH A O   1 
HETATM 419 O O   . HOH B 2 .  ? -4.694  16.077  6.870   1.00 42.48 ? 134 HOH A O   1 
HETATM 420 O O   . HOH B 2 .  ? -10.692 -0.182  0.128   1.00 49.65 ? 135 HOH A O   1 
HETATM 421 O O   . HOH B 2 .  ? -0.997  17.259  -1.088  1.00 43.41 ? 136 HOH A O   1 
# 
loop_
_pdbx_poly_seq_scheme.asym_id 
_pdbx_poly_seq_scheme.entity_id 
_pdbx_poly_seq_scheme.seq_id 
_pdbx_poly_seq_scheme.mon_id 
_pdbx_poly_seq_scheme.ndb_seq_num 
_pdbx_poly_seq_scheme.pdb_seq_num 
_pdbx_poly_seq_scheme.auth_seq_num 
_pdbx_poly_seq_scheme.pdb_mon_id 
_pdbx_poly_seq_scheme.auth_mon_id 
_pdbx_poly_seq_scheme.pdb_strand_id 
_pdbx_poly_seq_scheme.pdb_ins_code 
_pdbx_poly_seq_scheme.hetero 
A 1 1  GLY 1  1  1  GLY GLY A . n 
A 1 2  GLU 2  2  2  GLU GLU A . n 
A 1 3  TYR 3  3  3  TYR TYR A . n 
A 1 4  VAL 4  4  4  VAL VAL A . n 
A 1 5  VAL 5  5  5  VAL VAL A . n 
A 1 6  GLU 6  6  6  GLU GLU A . n 
A 1 7  LYS 7  7  7  LYS LYS A . n 
A 1 8  VAL 8  8  8  VAL VAL A . n 
A 1 9  LEU 9  9  9  LEU LEU A . n 
A 1 10 ASP 10 10 10 ASP ASP A . n 
A 1 11 ARG 11 11 11 ARG ARG A . n 
A 1 12 ARG 12 12 12 ARG ARG A . n 
A 1 13 VAL 13 13 13 VAL VAL A . n 
A 1 14 VAL 14 14 14 VAL VAL A . n 
A 1 15 LYS 15 15 15 LYS LYS A . n 
A 1 16 GLY 16 16 16 GLY GLY A . n 
A 1 17 LYS 17 17 17 LYS LYS A . n 
A 1 18 VAL 18 18 18 VAL VAL A . n 
A 1 19 GLU 19 19 19 GLU GLU A . n 
A 1 20 TYR 20 20 20 TYR TYR A . n 
A 1 21 LEU 21 21 21 LEU LEU A . n 
A 1 22 LEU 22 22 22 LEU LEU A . n 
A 1 23 LYS 23 23 23 LYS LYS A . n 
A 1 24 TRP 24 24 24 TRP TRP A . n 
A 1 25 LYS 25 25 25 LYS LYS A . n 
A 1 26 GLY 26 26 26 GLY GLY A . n 
A 1 27 PHE 27 27 27 PHE PHE A . n 
A 1 28 SER 28 28 28 SER SER A . n 
A 1 29 ASP 29 29 29 ASP ASP A . n 
A 1 30 GLU 30 30 30 GLU GLU A . n 
A 1 31 ASP 31 31 31 ASP ASP A . n 
A 1 32 ASN 32 32 32 ASN ASN A . n 
A 1 33 THR 33 33 33 THR THR A . n 
A 1 34 TRP 34 34 34 TRP TRP A . n 
A 1 35 GLU 35 35 35 GLU GLU A . n 
A 1 36 PRO 36 36 36 PRO PRO A . n 
A 1 37 GLU 37 37 37 GLU GLU A . n 
A 1 38 GLU 38 38 38 GLU GLU A . n 
A 1 39 ASN 39 39 39 ASN ASN A . n 
A 1 40 LEU 40 40 40 LEU LEU A . n 
A 1 41 ASP 41 41 41 ASP ASP A . n 
A 1 42 CYS 42 42 42 CYS CYS A . n 
A 1 43 PRO 43 43 43 PRO PRO A . n 
A 1 44 ASP 44 44 44 ASP ASP A . n 
A 1 45 LEU 45 45 45 LEU LEU A . n 
A 1 46 ILE 46 46 46 ILE ILE A . n 
A 1 47 ALA 47 47 47 ALA ALA A . n 
A 1 48 GLU 48 48 48 GLU GLU A . n 
A 1 49 PHE 49 49 49 PHE PHE A . n 
A 1 50 LEU 50 50 50 LEU LEU A . n 
A 1 51 GLN 51 51 51 GLN GLN A . n 
A 1 52 SER 52 52 ?  ?   ?   A . n 
A 1 53 GLN 53 53 ?  ?   ?   A . n 
A 1 54 LYS 54 54 ?  ?   ?   A . n 
A 1 55 THR 55 55 ?  ?   ?   A . n 
# 
_pdbx_SG_project.id                    1 
_pdbx_SG_project.project_name          ? 
_pdbx_SG_project.full_name_of_center   'Structural Genomics Consortium' 
_pdbx_SG_project.initial_of_center     SGC 
# 
loop_
_pdbx_nonpoly_scheme.asym_id 
_pdbx_nonpoly_scheme.entity_id 
_pdbx_nonpoly_scheme.mon_id 
_pdbx_nonpoly_scheme.ndb_seq_num 
_pdbx_nonpoly_scheme.pdb_seq_num 
_pdbx_nonpoly_scheme.auth_seq_num 
_pdbx_nonpoly_scheme.pdb_mon_id 
_pdbx_nonpoly_scheme.auth_mon_id 
_pdbx_nonpoly_scheme.pdb_strand_id 
_pdbx_nonpoly_scheme.pdb_ins_code 
B 2 HOH 1  56  2   HOH HOH A . 
B 2 HOH 2  57  4   HOH HOH A . 
B 2 HOH 3  58  8   HOH HOH A . 
B 2 HOH 4  59  9   HOH HOH A . 
B 2 HOH 5  60  10  HOH HOH A . 
B 2 HOH 6  61  11  HOH HOH A . 
B 2 HOH 7  62  12  HOH HOH A . 
B 2 HOH 8  63  15  HOH HOH A . 
B 2 HOH 9  64  18  HOH HOH A . 
B 2 HOH 10 65  19  HOH HOH A . 
B 2 HOH 11 66  22  HOH HOH A . 
B 2 HOH 12 67  25  HOH HOH A . 
B 2 HOH 13 68  26  HOH HOH A . 
B 2 HOH 14 69  28  HOH HOH A . 
B 2 HOH 15 70  31  HOH HOH A . 
B 2 HOH 16 106 106 HOH HOH A . 
B 2 HOH 17 107 107 HOH HOH A . 
B 2 HOH 18 113 113 HOH HOH A . 
B 2 HOH 19 115 115 HOH HOH A . 
B 2 HOH 20 121 121 HOH HOH A . 
B 2 HOH 21 127 127 HOH HOH A . 
B 2 HOH 22 128 128 HOH HOH A . 
B 2 HOH 23 129 129 HOH HOH A . 
B 2 HOH 24 130 130 HOH HOH A . 
B 2 HOH 25 132 132 HOH HOH A . 
B 2 HOH 26 134 134 HOH HOH A . 
B 2 HOH 27 135 135 HOH HOH A . 
B 2 HOH 28 136 136 HOH HOH A . 
# 
_pdbx_struct_assembly.id                   1 
_pdbx_struct_assembly.details              software_defined_assembly 
_pdbx_struct_assembly.method_details       PISA 
_pdbx_struct_assembly.oligomeric_details   dimeric 
_pdbx_struct_assembly.oligomeric_count     2 
# 
_pdbx_struct_assembly_gen.assembly_id       1 
_pdbx_struct_assembly_gen.oper_expression   1,2 
_pdbx_struct_assembly_gen.asym_id_list      A,B 
# 
loop_
_pdbx_struct_assembly_prop.biol_id 
_pdbx_struct_assembly_prop.type 
_pdbx_struct_assembly_prop.value 
_pdbx_struct_assembly_prop.details 
1 'ABSA (A^2)' 850  ? 
1 MORE         -7   ? 
1 'SSA (A^2)'  6520 ? 
# 
loop_
_pdbx_struct_oper_list.id 
_pdbx_struct_oper_list.type 
_pdbx_struct_oper_list.name 
_pdbx_struct_oper_list.symmetry_operation 
_pdbx_struct_oper_list.matrix[1][1] 
_pdbx_struct_oper_list.matrix[1][2] 
_pdbx_struct_oper_list.matrix[1][3] 
_pdbx_struct_oper_list.vector[1] 
_pdbx_struct_oper_list.matrix[2][1] 
_pdbx_struct_oper_list.matrix[2][2] 
_pdbx_struct_oper_list.matrix[2][3] 
_pdbx_struct_oper_list.vector[2] 
_pdbx_struct_oper_list.matrix[3][1] 
_pdbx_struct_oper_list.matrix[3][2] 
_pdbx_struct_oper_list.matrix[3][3] 
_pdbx_struct_oper_list.vector[3] 
1 'identity operation'         1_555 x,y,z       1.0000000000 0.0000000000 0.0000000000  0.0000000000  0.0000000000 1.0000000000  0.0000000000  0.0000000000 0.0000000000  0.0000000000  1.0000000000  0.0000000000   
2 'crystal symmetry operation' 2_656 -x+1,y,-z+1 0.5761804223 0.4323200258 -0.6936249104 -8.8290702809 0.4323200258 -0.8814218207 -0.1902497550 9.8590995045 -0.6936249104 -0.1902497550 -0.6947586016 -13.9180721858 
# 
loop_
_pdbx_audit_revision_history.ordinal 
_pdbx_audit_revision_history.data_content_type 
_pdbx_audit_revision_history.major_revision 
_pdbx_audit_revision_history.minor_revision 
_pdbx_audit_revision_history.revision_date 
1 'Structure model' 1 0 2008-11-25 
2 'Structure model' 1 1 2011-07-13 
3 'Structure model' 1 2 2023-09-06 
# 
_pdbx_audit_revision_details.ordinal             1 
_pdbx_audit_revision_details.revision_ordinal    1 
_pdbx_audit_revision_details.data_content_type   'Structure model' 
_pdbx_audit_revision_details.provider            repository 
_pdbx_audit_revision_details.type                'Initial release' 
_pdbx_audit_revision_details.description         ? 
_pdbx_audit_revision_details.details             ? 
# 
loop_
_pdbx_audit_revision_group.ordinal 
_pdbx_audit_revision_group.revision_ordinal 
_pdbx_audit_revision_group.data_content_type 
_pdbx_audit_revision_group.group 
1 2 'Structure model' Advisory                    
2 2 'Structure model' 'Version format compliance' 
3 3 'Structure model' 'Data collection'           
4 3 'Structure model' 'Database references'       
5 3 'Structure model' 'Refinement description'    
# 
loop_
_pdbx_audit_revision_category.ordinal 
_pdbx_audit_revision_category.revision_ordinal 
_pdbx_audit_revision_category.data_content_type 
_pdbx_audit_revision_category.category 
1 3 'Structure model' chem_comp_atom                
2 3 'Structure model' chem_comp_bond                
3 3 'Structure model' database_2                    
4 3 'Structure model' pdbx_initial_refinement_model 
5 3 'Structure model' struct_ref_seq_dif            
# 
loop_
_pdbx_audit_revision_item.ordinal 
_pdbx_audit_revision_item.revision_ordinal 
_pdbx_audit_revision_item.data_content_type 
_pdbx_audit_revision_item.item 
1 3 'Structure model' '_database_2.pdbx_DOI'                
2 3 'Structure model' '_database_2.pdbx_database_accession' 
3 3 'Structure model' '_struct_ref_seq_dif.details'         
# 
loop_
_pdbx_refine_tls.id 
_pdbx_refine_tls.details 
_pdbx_refine_tls.method 
_pdbx_refine_tls.origin_x 
_pdbx_refine_tls.origin_y 
_pdbx_refine_tls.origin_z 
_pdbx_refine_tls.T[1][1] 
_pdbx_refine_tls.T[2][2] 
_pdbx_refine_tls.T[3][3] 
_pdbx_refine_tls.T[1][2] 
_pdbx_refine_tls.T[1][3] 
_pdbx_refine_tls.T[2][3] 
_pdbx_refine_tls.L[1][1] 
_pdbx_refine_tls.L[2][2] 
_pdbx_refine_tls.L[3][3] 
_pdbx_refine_tls.L[1][2] 
_pdbx_refine_tls.L[1][3] 
_pdbx_refine_tls.L[2][3] 
_pdbx_refine_tls.S[1][1] 
_pdbx_refine_tls.S[2][2] 
_pdbx_refine_tls.S[3][3] 
_pdbx_refine_tls.S[1][2] 
_pdbx_refine_tls.S[1][3] 
_pdbx_refine_tls.S[2][3] 
_pdbx_refine_tls.S[2][1] 
_pdbx_refine_tls.S[3][1] 
_pdbx_refine_tls.S[3][2] 
_pdbx_refine_tls.pdbx_refine_id 
1 ? refined 2.8179  4.8333  -1.4176 0.1306 0.1096 0.0998 0.0403 -0.0807 -0.0161 2.8586  3.3646  4.8392  -0.7566 2.0921  -1.4527 -0.1120 -0.1788 0.2907  -0.1707 0.1313  -0.0160 0.0673  -0.1907 -0.0995 'X-RAY DIFFRACTION' 
2 ? refined -3.8054 0.6074  1.3753  0.1136 0.1206 0.1101 0.0322 -0.0744 0.0012  3.2601  9.9590  3.3512  5.6910  -1.2100 -1.8447 -0.0023 -0.1355 0.1378  -0.2025 0.2923  0.4660  -0.2088 0.0319  0.0050  'X-RAY DIFFRACTION' 
3 ? refined 5.7125  -4.8754 -0.6919 0.1516 0.0418 0.3195 0.0389 -0.0199 -0.0006 10.6109 11.0373 13.6326 -2.4031 7.1469  -5.1168 0.3203  0.3630  -0.6833 -0.0792 -0.4420 -1.0013 -0.3468 0.2392  -0.2685 'X-RAY DIFFRACTION' 
# 
loop_
_pdbx_refine_tls_group.id 
_pdbx_refine_tls_group.refine_tls_id 
_pdbx_refine_tls_group.beg_auth_asym_id 
_pdbx_refine_tls_group.end_auth_asym_id 
_pdbx_refine_tls_group.end_auth_seq_id 
_pdbx_refine_tls_group.selection 
_pdbx_refine_tls_group.beg_auth_seq_id 
_pdbx_refine_tls_group.beg_label_asym_id 
_pdbx_refine_tls_group.beg_label_seq_id 
_pdbx_refine_tls_group.end_label_asym_id 
_pdbx_refine_tls_group.end_label_seq_id 
_pdbx_refine_tls_group.pdbx_refine_id 
_pdbx_refine_tls_group.selection_details 
1 1 A A 10 ? 1  . . . . 'X-RAY DIFFRACTION' ? 
2 2 A A 38 ? 11 . . . . 'X-RAY DIFFRACTION' ? 
3 3 A A 51 ? 39 . . . . 'X-RAY DIFFRACTION' ? 
# 
loop_
_software.name 
_software.version 
_software.date 
_software.type 
_software.contact_author 
_software.contact_author_email 
_software.classification 
_software.location 
_software.language 
_software.citation_id 
_software.pdbx_ordinal 
REFMAC      5.2.0019 ?               program 'Garib N. Murshudov' garib@ysbl.york.ac.uk refinement        
http://www.ccp4.ac.uk/dist/html/refmac5.html Fortran_77 ? 1 
PDB_EXTRACT 3.006    'June 11, 2008' package PDB                  help@deposit.rcsb.org 'data extraction' 
http://sw-tools.pdb.org/apps/PDB_EXTRACT/    C++        ? 2 
# 
_pdbx_validate_close_contact.id               1 
_pdbx_validate_close_contact.PDB_model_num    1 
_pdbx_validate_close_contact.auth_atom_id_1   O 
_pdbx_validate_close_contact.auth_asym_id_1   A 
_pdbx_validate_close_contact.auth_comp_id_1   HOH 
_pdbx_validate_close_contact.auth_seq_id_1    57 
_pdbx_validate_close_contact.PDB_ins_code_1   ? 
_pdbx_validate_close_contact.label_alt_id_1   ? 
_pdbx_validate_close_contact.auth_atom_id_2   O 
_pdbx_validate_close_contact.auth_asym_id_2   A 
_pdbx_validate_close_contact.auth_comp_id_2   HOH 
_pdbx_validate_close_contact.auth_seq_id_2    128 
_pdbx_validate_close_contact.PDB_ins_code_2   ? 
_pdbx_validate_close_contact.label_alt_id_2   ? 
_pdbx_validate_close_contact.dist             1.90 
# 
_pdbx_validate_symm_contact.id                1 
_pdbx_validate_symm_contact.PDB_model_num     1 
_pdbx_validate_symm_contact.auth_atom_id_1    O 
_pdbx_validate_symm_contact.auth_asym_id_1    A 
_pdbx_validate_symm_contact.auth_comp_id_1    HOH 
_pdbx_validate_symm_contact.auth_seq_id_1     61 
_pdbx_validate_symm_contact.PDB_ins_code_1    ? 
_pdbx_validate_symm_contact.label_alt_id_1    ? 
_pdbx_validate_symm_contact.site_symmetry_1   1_555 
_pdbx_validate_symm_contact.auth_atom_id_2    O 
_pdbx_validate_symm_contact.auth_asym_id_2    A 
_pdbx_validate_symm_contact.auth_comp_id_2    HOH 
_pdbx_validate_symm_contact.auth_seq_id_2     61 
_pdbx_validate_symm_contact.PDB_ins_code_2    ? 
_pdbx_validate_symm_contact.label_alt_id_2    ? 
_pdbx_validate_symm_contact.site_symmetry_2   2_656 
_pdbx_validate_symm_contact.dist              2.04 
# 
loop_
_pdbx_unobs_or_zero_occ_atoms.id 
_pdbx_unobs_or_zero_occ_atoms.PDB_model_num 
_pdbx_unobs_or_zero_occ_atoms.polymer_flag 
_pdbx_unobs_or_zero_occ_atoms.occupancy_flag 
_pdbx_unobs_or_zero_occ_atoms.auth_asym_id 
_pdbx_unobs_or_zero_occ_atoms.auth_comp_id 
_pdbx_unobs_or_zero_occ_atoms.auth_seq_id 
_pdbx_unobs_or_zero_occ_atoms.PDB_ins_code 
_pdbx_unobs_or_zero_occ_atoms.auth_atom_id 
_pdbx_unobs_or_zero_occ_atoms.label_alt_id 
_pdbx_unobs_or_zero_occ_atoms.label_asym_id 
_pdbx_unobs_or_zero_occ_atoms.label_comp_id 
_pdbx_unobs_or_zero_occ_atoms.label_seq_id 
_pdbx_unobs_or_zero_occ_atoms.label_atom_id 
1  1 Y 1 A GLU 2  ? CG  ? A GLU 2  CG  
2  1 Y 1 A GLU 2  ? CD  ? A GLU 2  CD  
3  1 Y 1 A GLU 2  ? OE1 ? A GLU 2  OE1 
4  1 Y 1 A GLU 2  ? OE2 ? A GLU 2  OE2 
5  1 Y 1 A LYS 17 ? CG  ? A LYS 17 CG  
6  1 Y 1 A LYS 17 ? CD  ? A LYS 17 CD  
7  1 Y 1 A LYS 17 ? CE  ? A LYS 17 CE  
8  1 Y 1 A LYS 17 ? NZ  ? A LYS 17 NZ  
9  1 Y 1 A GLU 30 ? CG  ? A GLU 30 CG  
10 1 Y 1 A GLU 30 ? CD  ? A GLU 30 CD  
11 1 Y 1 A GLU 30 ? OE1 ? A GLU 30 OE1 
12 1 Y 1 A GLU 30 ? OE2 ? A GLU 30 OE2 
13 1 Y 1 A GLU 38 ? CG  ? A GLU 38 CG  
14 1 Y 1 A GLU 38 ? CD  ? A GLU 38 CD  
15 1 Y 1 A GLU 38 ? OE1 ? A GLU 38 OE1 
16 1 Y 1 A GLU 38 ? OE2 ? A GLU 38 OE2 
17 1 Y 1 A LEU 40 ? CG  ? A LEU 40 CG  
18 1 Y 1 A LEU 40 ? CD1 ? A LEU 40 CD1 
19 1 Y 1 A LEU 40 ? CD2 ? A LEU 40 CD2 
20 1 Y 1 A ASP 41 ? CG  ? A ASP 41 CG  
21 1 Y 1 A ASP 41 ? OD1 ? A ASP 41 OD1 
22 1 Y 1 A ASP 41 ? OD2 ? A ASP 41 OD2 
23 1 Y 1 A ASP 44 ? CG  ? A ASP 44 CG  
24 1 Y 1 A ASP 44 ? OD1 ? A ASP 44 OD1 
25 1 Y 1 A ASP 44 ? OD2 ? A ASP 44 OD2 
26 1 Y 1 A GLU 48 ? CG  ? A GLU 48 CG  
27 1 Y 1 A GLU 48 ? CD  ? A GLU 48 CD  
28 1 Y 1 A GLU 48 ? OE1 ? A GLU 48 OE1 
29 1 Y 1 A GLU 48 ? OE2 ? A GLU 48 OE2 
30 1 Y 1 A GLN 51 ? CG  ? A GLN 51 CG  
31 1 Y 1 A GLN 51 ? CD  ? A GLN 51 CD  
32 1 Y 1 A GLN 51 ? OE1 ? A GLN 51 OE1 
33 1 Y 1 A GLN 51 ? NE2 ? A GLN 51 NE2 
# 
loop_
_pdbx_unobs_or_zero_occ_residues.id 
_pdbx_unobs_or_zero_occ_residues.PDB_model_num 
_pdbx_unobs_or_zero_occ_residues.polymer_flag 
_pdbx_unobs_or_zero_occ_residues.occupancy_flag 
_pdbx_unobs_or_zero_occ_residues.auth_asym_id 
_pdbx_unobs_or_zero_occ_residues.auth_comp_id 
_pdbx_unobs_or_zero_occ_residues.auth_seq_id 
_pdbx_unobs_or_zero_occ_residues.PDB_ins_code 
_pdbx_unobs_or_zero_occ_residues.label_asym_id 
_pdbx_unobs_or_zero_occ_residues.label_comp_id 
_pdbx_unobs_or_zero_occ_residues.label_seq_id 
1 1 Y 1 A SER 52 ? A SER 52 
2 1 Y 1 A GLN 53 ? A GLN 53 
3 1 Y 1 A LYS 54 ? A LYS 54 
4 1 Y 1 A THR 55 ? A THR 55 
# 
loop_
_chem_comp_atom.comp_id 
_chem_comp_atom.atom_id 
_chem_comp_atom.type_symbol 
_chem_comp_atom.pdbx_aromatic_flag 
_chem_comp_atom.pdbx_stereo_config 
_chem_comp_atom.pdbx_ordinal 
ALA N    N N N 1   
ALA CA   C N S 2   
ALA C    C N N 3   
ALA O    O N N 4   
ALA CB   C N N 5   
ALA OXT  O N N 6   
ALA H    H N N 7   
ALA H2   H N N 8   
ALA HA   H N N 9   
ALA HB1  H N N 10  
ALA HB2  H N N 11  
ALA HB3  H N N 12  
ALA HXT  H N N 13  
ARG N    N N N 14  
ARG CA   C N S 15  
ARG C    C N N 16  
ARG O    O N N 17  
ARG CB   C N N 18  
ARG CG   C N N 19  
ARG CD   C N N 20  
ARG NE   N N N 21  
ARG CZ   C N N 22  
ARG NH1  N N N 23  
ARG NH2  N N N 24  
ARG OXT  O N N 25  
ARG H    H N N 26  
ARG H2   H N N 27  
ARG HA   H N N 28  
ARG HB2  H N N 29  
ARG HB3  H N N 30  
ARG HG2  H N N 31  
ARG HG3  H N N 32  
ARG HD2  H N N 33  
ARG HD3  H N N 34  
ARG HE   H N N 35  
ARG HH11 H N N 36  
ARG HH12 H N N 37  
ARG HH21 H N N 38  
ARG HH22 H N N 39  
ARG HXT  H N N 40  
ASN N    N N N 41  
ASN CA   C N S 42  
ASN C    C N N 43  
ASN O    O N N 44  
ASN CB   C N N 45  
ASN CG   C N N 46  
ASN OD1  O N N 47  
ASN ND2  N N N 48  
ASN OXT  O N N 49  
ASN H    H N N 50  
ASN H2   H N N 51  
ASN HA   H N N 52  
ASN HB2  H N N 53  
ASN HB3  H N N 54  
ASN HD21 H N N 55  
ASN HD22 H N N 56  
ASN HXT  H N N 57  
ASP N    N N N 58  
ASP CA   C N S 59  
ASP C    C N N 60  
ASP O    O N N 61  
ASP CB   C N N 62  
ASP CG   C N N 63  
ASP OD1  O N N 64  
ASP OD2  O N N 65  
ASP OXT  O N N 66  
ASP H    H N N 67  
ASP H2   H N N 68  
ASP HA   H N N 69  
ASP HB2  H N N 70  
ASP HB3  H N N 71  
ASP HD2  H N N 72  
ASP HXT  H N N 73  
CYS N    N N N 74  
CYS CA   C N R 75  
CYS C    C N N 76  
CYS O    O N N 77  
CYS CB   C N N 78  
CYS SG   S N N 79  
CYS OXT  O N N 80  
CYS H    H N N 81  
CYS H2   H N N 82  
CYS HA   H N N 83  
CYS HB2  H N N 84  
CYS HB3  H N N 85  
CYS HG   H N N 86  
CYS HXT  H N N 87  
GLN N    N N N 88  
GLN CA   C N S 89  
GLN C    C N N 90  
GLN O    O N N 91  
GLN CB   C N N 92  
GLN CG   C N N 93  
GLN CD   C N N 94  
GLN OE1  O N N 95  
GLN NE2  N N N 96  
GLN OXT  O N N 97  
GLN H    H N N 98  
GLN H2   H N N 99  
GLN HA   H N N 100 
GLN HB2  H N N 101 
GLN HB3  H N N 102 
GLN HG2  H N N 103 
GLN HG3  H N N 104 
GLN HE21 H N N 105 
GLN HE22 H N N 106 
GLN HXT  H N N 107 
GLU N    N N N 108 
GLU CA   C N S 109 
GLU C    C N N 110 
GLU O    O N N 111 
GLU CB   C N N 112 
GLU CG   C N N 113 
GLU CD   C N N 114 
GLU OE1  O N N 115 
GLU OE2  O N N 116 
GLU OXT  O N N 117 
GLU H    H N N 118 
GLU H2   H N N 119 
GLU HA   H N N 120 
GLU HB2  H N N 121 
GLU HB3  H N N 122 
GLU HG2  H N N 123 
GLU HG3  H N N 124 
GLU HE2  H N N 125 
GLU HXT  H N N 126 
GLY N    N N N 127 
GLY CA   C N N 128 
GLY C    C N N 129 
GLY O    O N N 130 
GLY OXT  O N N 131 
GLY H    H N N 132 
GLY H2   H N N 133 
GLY HA2  H N N 134 
GLY HA3  H N N 135 
GLY HXT  H N N 136 
HOH O    O N N 137 
HOH H1   H N N 138 
HOH H2   H N N 139 
ILE N    N N N 140 
ILE CA   C N S 141 
ILE C    C N N 142 
ILE O    O N N 143 
ILE CB   C N S 144 
ILE CG1  C N N 145 
ILE CG2  C N N 146 
ILE CD1  C N N 147 
ILE OXT  O N N 148 
ILE H    H N N 149 
ILE H2   H N N 150 
ILE HA   H N N 151 
ILE HB   H N N 152 
ILE HG12 H N N 153 
ILE HG13 H N N 154 
ILE HG21 H N N 155 
ILE HG22 H N N 156 
ILE HG23 H N N 157 
ILE HD11 H N N 158 
ILE HD12 H N N 159 
ILE HD13 H N N 160 
ILE HXT  H N N 161 
LEU N    N N N 162 
LEU CA   C N S 163 
LEU C    C N N 164 
LEU O    O N N 165 
LEU CB   C N N 166 
LEU CG   C N N 167 
LEU CD1  C N N 168 
LEU CD2  C N N 169 
LEU OXT  O N N 170 
LEU H    H N N 171 
LEU H2   H N N 172 
LEU HA   H N N 173 
LEU HB2  H N N 174 
LEU HB3  H N N 175 
LEU HG   H N N 176 
LEU HD11 H N N 177 
LEU HD12 H N N 178 
LEU HD13 H N N 179 
LEU HD21 H N N 180 
LEU HD22 H N N 181 
LEU HD23 H N N 182 
LEU HXT  H N N 183 
LYS N    N N N 184 
LYS CA   C N S 185 
LYS C    C N N 186 
LYS O    O N N 187 
LYS CB   C N N 188 
LYS CG   C N N 189 
LYS CD   C N N 190 
LYS CE   C N N 191 
LYS NZ   N N N 192 
LYS OXT  O N N 193 
LYS H    H N N 194 
LYS H2   H N N 195 
LYS HA   H N N 196 
LYS HB2  H N N 197 
LYS HB3  H N N 198 
LYS HG2  H N N 199 
LYS HG3  H N N 200 
LYS HD2  H N N 201 
LYS HD3  H N N 202 
LYS HE2  H N N 203 
LYS HE3  H N N 204 
LYS HZ1  H N N 205 
LYS HZ2  H N N 206 
LYS HZ3  H N N 207 
LYS HXT  H N N 208 
PHE N    N N N 209 
PHE CA   C N S 210 
PHE C    C N N 211 
PHE O    O N N 212 
PHE CB   C N N 213 
PHE CG   C Y N 214 
PHE CD1  C Y N 215 
PHE CD2  C Y N 216 
PHE CE1  C Y N 217 
PHE CE2  C Y N 218 
PHE CZ   C Y N 219 
PHE OXT  O N N 220 
PHE H    H N N 221 
PHE H2   H N N 222 
PHE HA   H N N 223 
PHE HB2  H N N 224 
PHE HB3  H N N 225 
PHE HD1  H N N 226 
PHE HD2  H N N 227 
PHE HE1  H N N 228 
PHE HE2  H N N 229 
PHE HZ   H N N 230 
PHE HXT  H N N 231 
PRO N    N N N 232 
PRO CA   C N S 233 
PRO C    C N N 234 
PRO O    O N N 235 
PRO CB   C N N 236 
PRO CG   C N N 237 
PRO CD   C N N 238 
PRO OXT  O N N 239 
PRO H    H N N 240 
PRO HA   H N N 241 
PRO HB2  H N N 242 
PRO HB3  H N N 243 
PRO HG2  H N N 244 
PRO HG3  H N N 245 
PRO HD2  H N N 246 
PRO HD3  H N N 247 
PRO HXT  H N N 248 
SER N    N N N 249 
SER CA   C N S 250 
SER C    C N N 251 
SER O    O N N 252 
SER CB   C N N 253 
SER OG   O N N 254 
SER OXT  O N N 255 
SER H    H N N 256 
SER H2   H N N 257 
SER HA   H N N 258 
SER HB2  H N N 259 
SER HB3  H N N 260 
SER HG   H N N 261 
SER HXT  H N N 262 
THR N    N N N 263 
THR CA   C N S 264 
THR C    C N N 265 
THR O    O N N 266 
THR CB   C N R 267 
THR OG1  O N N 268 
THR CG2  C N N 269 
THR OXT  O N N 270 
THR H    H N N 271 
THR H2   H N N 272 
THR HA   H N N 273 
THR HB   H N N 274 
THR HG1  H N N 275 
THR HG21 H N N 276 
THR HG22 H N N 277 
THR HG23 H N N 278 
THR HXT  H N N 279 
TRP N    N N N 280 
TRP CA   C N S 281 
TRP C    C N N 282 
TRP O    O N N 283 
TRP CB   C N N 284 
TRP CG   C Y N 285 
TRP CD1  C Y N 286 
TRP CD2  C Y N 287 
TRP NE1  N Y N 288 
TRP CE2  C Y N 289 
TRP CE3  C Y N 290 
TRP CZ2  C Y N 291 
TRP CZ3  C Y N 292 
TRP CH2  C Y N 293 
TRP OXT  O N N 294 
TRP H    H N N 295 
TRP H2   H N N 296 
TRP HA   H N N 297 
TRP HB2  H N N 298 
TRP HB3  H N N 299 
TRP HD1  H N N 300 
TRP HE1  H N N 301 
TRP HE3  H N N 302 
TRP HZ2  H N N 303 
TRP HZ3  H N N 304 
TRP HH2  H N N 305 
TRP HXT  H N N 306 
TYR N    N N N 307 
TYR CA   C N S 308 
TYR C    C N N 309 
TYR O    O N N 310 
TYR CB   C N N 311 
TYR CG   C Y N 312 
TYR CD1  C Y N 313 
TYR CD2  C Y N 314 
TYR CE1  C Y N 315 
TYR CE2  C Y N 316 
TYR CZ   C Y N 317 
TYR OH   O N N 318 
TYR OXT  O N N 319 
TYR H    H N N 320 
TYR H2   H N N 321 
TYR HA   H N N 322 
TYR HB2  H N N 323 
TYR HB3  H N N 324 
TYR HD1  H N N 325 
TYR HD2  H N N 326 
TYR HE1  H N N 327 
TYR HE2  H N N 328 
TYR HH   H N N 329 
TYR HXT  H N N 330 
VAL N    N N N 331 
VAL CA   C N S 332 
VAL C    C N N 333 
VAL O    O N N 334 
VAL CB   C N N 335 
VAL CG1  C N N 336 
VAL CG2  C N N 337 
VAL OXT  O N N 338 
VAL H    H N N 339 
VAL H2   H N N 340 
VAL HA   H N N 341 
VAL HB   H N N 342 
VAL HG11 H N N 343 
VAL HG12 H N N 344 
VAL HG13 H N N 345 
VAL HG21 H N N 346 
VAL HG22 H N N 347 
VAL HG23 H N N 348 
VAL HXT  H N N 349 
# 
loop_
_chem_comp_bond.comp_id 
_chem_comp_bond.atom_id_1 
_chem_comp_bond.atom_id_2 
_chem_comp_bond.value_order 
_chem_comp_bond.pdbx_aromatic_flag 
_chem_comp_bond.pdbx_stereo_config 
_chem_comp_bond.pdbx_ordinal 
ALA N   CA   sing N N 1   
ALA N   H    sing N N 2   
ALA N   H2   sing N N 3   
ALA CA  C    sing N N 4   
ALA CA  CB   sing N N 5   
ALA CA  HA   sing N N 6   
ALA C   O    doub N N 7   
ALA C   OXT  sing N N 8   
ALA CB  HB1  sing N N 9   
ALA CB  HB2  sing N N 10  
ALA CB  HB3  sing N N 11  
ALA OXT HXT  sing N N 12  
ARG N   CA   sing N N 13  
ARG N   H    sing N N 14  
ARG N   H2   sing N N 15  
ARG CA  C    sing N N 16  
ARG CA  CB   sing N N 17  
ARG CA  HA   sing N N 18  
ARG C   O    doub N N 19  
ARG C   OXT  sing N N 20  
ARG CB  CG   sing N N 21  
ARG CB  HB2  sing N N 22  
ARG CB  HB3  sing N N 23  
ARG CG  CD   sing N N 24  
ARG CG  HG2  sing N N 25  
ARG CG  HG3  sing N N 26  
ARG CD  NE   sing N N 27  
ARG CD  HD2  sing N N 28  
ARG CD  HD3  sing N N 29  
ARG NE  CZ   sing N N 30  
ARG NE  HE   sing N N 31  
ARG CZ  NH1  sing N N 32  
ARG CZ  NH2  doub N N 33  
ARG NH1 HH11 sing N N 34  
ARG NH1 HH12 sing N N 35  
ARG NH2 HH21 sing N N 36  
ARG NH2 HH22 sing N N 37  
ARG OXT HXT  sing N N 38  
ASN N   CA   sing N N 39  
ASN N   H    sing N N 40  
ASN N   H2   sing N N 41  
ASN CA  C    sing N N 42  
ASN CA  CB   sing N N 43  
ASN CA  HA   sing N N 44  
ASN C   O    doub N N 45  
ASN C   OXT  sing N N 46  
ASN CB  CG   sing N N 47  
ASN CB  HB2  sing N N 48  
ASN CB  HB3  sing N N 49  
ASN CG  OD1  doub N N 50  
ASN CG  ND2  sing N N 51  
ASN ND2 HD21 sing N N 52  
ASN ND2 HD22 sing N N 53  
ASN OXT HXT  sing N N 54  
ASP N   CA   sing N N 55  
ASP N   H    sing N N 56  
ASP N   H2   sing N N 57  
ASP CA  C    sing N N 58  
ASP CA  CB   sing N N 59  
ASP CA  HA   sing N N 60  
ASP C   O    doub N N 61  
ASP C   OXT  sing N N 62  
ASP CB  CG   sing N N 63  
ASP CB  HB2  sing N N 64  
ASP CB  HB3  sing N N 65  
ASP CG  OD1  doub N N 66  
ASP CG  OD2  sing N N 67  
ASP OD2 HD2  sing N N 68  
ASP OXT HXT  sing N N 69  
CYS N   CA   sing N N 70  
CYS N   H    sing N N 71  
CYS N   H2   sing N N 72  
CYS CA  C    sing N N 73  
CYS CA  CB   sing N N 74  
CYS CA  HA   sing N N 75  
CYS C   O    doub N N 76  
CYS C   OXT  sing N N 77  
CYS CB  SG   sing N N 78  
CYS CB  HB2  sing N N 79  
CYS CB  HB3  sing N N 80  
CYS SG  HG   sing N N 81  
CYS OXT HXT  sing N N 82  
GLN N   CA   sing N N 83  
GLN N   H    sing N N 84  
GLN N   H2   sing N N 85  
GLN CA  C    sing N N 86  
GLN CA  CB   sing N N 87  
GLN CA  HA   sing N N 88  
GLN C   O    doub N N 89  
GLN C   OXT  sing N N 90  
GLN CB  CG   sing N N 91  
GLN CB  HB2  sing N N 92  
GLN CB  HB3  sing N N 93  
GLN CG  CD   sing N N 94  
GLN CG  HG2  sing N N 95  
GLN CG  HG3  sing N N 96  
GLN CD  OE1  doub N N 97  
GLN CD  NE2  sing N N 98  
GLN NE2 HE21 sing N N 99  
GLN NE2 HE22 sing N N 100 
GLN OXT HXT  sing N N 101 
GLU N   CA   sing N N 102 
GLU N   H    sing N N 103 
GLU N   H2   sing N N 104 
GLU CA  C    sing N N 105 
GLU CA  CB   sing N N 106 
GLU CA  HA   sing N N 107 
GLU C   O    doub N N 108 
GLU C   OXT  sing N N 109 
GLU CB  CG   sing N N 110 
GLU CB  HB2  sing N N 111 
GLU CB  HB3  sing N N 112 
GLU CG  CD   sing N N 113 
GLU CG  HG2  sing N N 114 
GLU CG  HG3  sing N N 115 
GLU CD  OE1  doub N N 116 
GLU CD  OE2  sing N N 117 
GLU OE2 HE2  sing N N 118 
GLU OXT HXT  sing N N 119 
GLY N   CA   sing N N 120 
GLY N   H    sing N N 121 
GLY N   H2   sing N N 122 
GLY CA  C    sing N N 123 
GLY CA  HA2  sing N N 124 
GLY CA  HA3  sing N N 125 
GLY C   O    doub N N 126 
GLY C   OXT  sing N N 127 
GLY OXT HXT  sing N N 128 
HOH O   H1   sing N N 129 
HOH O   H2   sing N N 130 
ILE N   CA   sing N N 131 
ILE N   H    sing N N 132 
ILE N   H2   sing N N 133 
ILE CA  C    sing N N 134 
ILE CA  CB   sing N N 135 
ILE CA  HA   sing N N 136 
ILE C   O    doub N N 137 
ILE C   OXT  sing N N 138 
ILE CB  CG1  sing N N 139 
ILE CB  CG2  sing N N 140 
ILE CB  HB   sing N N 141 
ILE CG1 CD1  sing N N 142 
ILE CG1 HG12 sing N N 143 
ILE CG1 HG13 sing N N 144 
ILE CG2 HG21 sing N N 145 
ILE CG2 HG22 sing N N 146 
ILE CG2 HG23 sing N N 147 
ILE CD1 HD11 sing N N 148 
ILE CD1 HD12 sing N N 149 
ILE CD1 HD13 sing N N 150 
ILE OXT HXT  sing N N 151 
LEU N   CA   sing N N 152 
LEU N   H    sing N N 153 
LEU N   H2   sing N N 154 
LEU CA  C    sing N N 155 
LEU CA  CB   sing N N 156 
LEU CA  HA   sing N N 157 
LEU C   O    doub N N 158 
LEU C   OXT  sing N N 159 
LEU CB  CG   sing N N 160 
LEU CB  HB2  sing N N 161 
LEU CB  HB3  sing N N 162 
LEU CG  CD1  sing N N 163 
LEU CG  CD2  sing N N 164 
LEU CG  HG   sing N N 165 
LEU CD1 HD11 sing N N 166 
LEU CD1 HD12 sing N N 167 
LEU CD1 HD13 sing N N 168 
LEU CD2 HD21 sing N N 169 
LEU CD2 HD22 sing N N 170 
LEU CD2 HD23 sing N N 171 
LEU OXT HXT  sing N N 172 
LYS N   CA   sing N N 173 
LYS N   H    sing N N 174 
LYS N   H2   sing N N 175 
LYS CA  C    sing N N 176 
LYS CA  CB   sing N N 177 
LYS CA  HA   sing N N 178 
LYS C   O    doub N N 179 
LYS C   OXT  sing N N 180 
LYS CB  CG   sing N N 181 
LYS CB  HB2  sing N N 182 
LYS CB  HB3  sing N N 183 
LYS CG  CD   sing N N 184 
LYS CG  HG2  sing N N 185 
LYS CG  HG3  sing N N 186 
LYS CD  CE   sing N N 187 
LYS CD  HD2  sing N N 188 
LYS CD  HD3  sing N N 189 
LYS CE  NZ   sing N N 190 
LYS CE  HE2  sing N N 191 
LYS CE  HE3  sing N N 192 
LYS NZ  HZ1  sing N N 193 
LYS NZ  HZ2  sing N N 194 
LYS NZ  HZ3  sing N N 195 
LYS OXT HXT  sing N N 196 
PHE N   CA   sing N N 197 
PHE N   H    sing N N 198 
PHE N   H2   sing N N 199 
PHE CA  C    sing N N 200 
PHE CA  CB   sing N N 201 
PHE CA  HA   sing N N 202 
PHE C   O    doub N N 203 
PHE C   OXT  sing N N 204 
PHE CB  CG   sing N N 205 
PHE CB  HB2  sing N N 206 
PHE CB  HB3  sing N N 207 
PHE CG  CD1  doub Y N 208 
PHE CG  CD2  sing Y N 209 
PHE CD1 CE1  sing Y N 210 
PHE CD1 HD1  sing N N 211 
PHE CD2 CE2  doub Y N 212 
PHE CD2 HD2  sing N N 213 
PHE CE1 CZ   doub Y N 214 
PHE CE1 HE1  sing N N 215 
PHE CE2 CZ   sing Y N 216 
PHE CE2 HE2  sing N N 217 
PHE CZ  HZ   sing N N 218 
PHE OXT HXT  sing N N 219 
PRO N   CA   sing N N 220 
PRO N   CD   sing N N 221 
PRO N   H    sing N N 222 
PRO CA  C    sing N N 223 
PRO CA  CB   sing N N 224 
PRO CA  HA   sing N N 225 
PRO C   O    doub N N 226 
PRO C   OXT  sing N N 227 
PRO CB  CG   sing N N 228 
PRO CB  HB2  sing N N 229 
PRO CB  HB3  sing N N 230 
PRO CG  CD   sing N N 231 
PRO CG  HG2  sing N N 232 
PRO CG  HG3  sing N N 233 
PRO CD  HD2  sing N N 234 
PRO CD  HD3  sing N N 235 
PRO OXT HXT  sing N N 236 
SER N   CA   sing N N 237 
SER N   H    sing N N 238 
SER N   H2   sing N N 239 
SER CA  C    sing N N 240 
SER CA  CB   sing N N 241 
SER CA  HA   sing N N 242 
SER C   O    doub N N 243 
SER C   OXT  sing N N 244 
SER CB  OG   sing N N 245 
SER CB  HB2  sing N N 246 
SER CB  HB3  sing N N 247 
SER OG  HG   sing N N 248 
SER OXT HXT  sing N N 249 
THR N   CA   sing N N 250 
THR N   H    sing N N 251 
THR N   H2   sing N N 252 
THR CA  C    sing N N 253 
THR CA  CB   sing N N 254 
THR CA  HA   sing N N 255 
THR C   O    doub N N 256 
THR C   OXT  sing N N 257 
THR CB  OG1  sing N N 258 
THR CB  CG2  sing N N 259 
THR CB  HB   sing N N 260 
THR OG1 HG1  sing N N 261 
THR CG2 HG21 sing N N 262 
THR CG2 HG22 sing N N 263 
THR CG2 HG23 sing N N 264 
THR OXT HXT  sing N N 265 
TRP N   CA   sing N N 266 
TRP N   H    sing N N 267 
TRP N   H2   sing N N 268 
TRP CA  C    sing N N 269 
TRP CA  CB   sing N N 270 
TRP CA  HA   sing N N 271 
TRP C   O    doub N N 272 
TRP C   OXT  sing N N 273 
TRP CB  CG   sing N N 274 
TRP CB  HB2  sing N N 275 
TRP CB  HB3  sing N N 276 
TRP CG  CD1  doub Y N 277 
TRP CG  CD2  sing Y N 278 
TRP CD1 NE1  sing Y N 279 
TRP CD1 HD1  sing N N 280 
TRP CD2 CE2  doub Y N 281 
TRP CD2 CE3  sing Y N 282 
TRP NE1 CE2  sing Y N 283 
TRP NE1 HE1  sing N N 284 
TRP CE2 CZ2  sing Y N 285 
TRP CE3 CZ3  doub Y N 286 
TRP CE3 HE3  sing N N 287 
TRP CZ2 CH2  doub Y N 288 
TRP CZ2 HZ2  sing N N 289 
TRP CZ3 CH2  sing Y N 290 
TRP CZ3 HZ3  sing N N 291 
TRP CH2 HH2  sing N N 292 
TRP OXT HXT  sing N N 293 
TYR N   CA   sing N N 294 
TYR N   H    sing N N 295 
TYR N   H2   sing N N 296 
TYR CA  C    sing N N 297 
TYR CA  CB   sing N N 298 
TYR CA  HA   sing N N 299 
TYR C   O    doub N N 300 
TYR C   OXT  sing N N 301 
TYR CB  CG   sing N N 302 
TYR CB  HB2  sing N N 303 
TYR CB  HB3  sing N N 304 
TYR CG  CD1  doub Y N 305 
TYR CG  CD2  sing Y N 306 
TYR CD1 CE1  sing Y N 307 
TYR CD1 HD1  sing N N 308 
TYR CD2 CE2  doub Y N 309 
TYR CD2 HD2  sing N N 310 
TYR CE1 CZ   doub Y N 311 
TYR CE1 HE1  sing N N 312 
TYR CE2 CZ   sing Y N 313 
TYR CE2 HE2  sing N N 314 
TYR CZ  OH   sing N N 315 
TYR OH  HH   sing N N 316 
TYR OXT HXT  sing N N 317 
VAL N   CA   sing N N 318 
VAL N   H    sing N N 319 
VAL N   H2   sing N N 320 
VAL CA  C    sing N N 321 
VAL CA  CB   sing N N 322 
VAL CA  HA   sing N N 323 
VAL C   O    doub N N 324 
VAL C   OXT  sing N N 325 
VAL CB  CG1  sing N N 326 
VAL CB  CG2  sing N N 327 
VAL CB  HB   sing N N 328 
VAL CG1 HG11 sing N N 329 
VAL CG1 HG12 sing N N 330 
VAL CG1 HG13 sing N N 331 
VAL CG2 HG21 sing N N 332 
VAL CG2 HG22 sing N N 333 
VAL CG2 HG23 sing N N 334 
VAL OXT HXT  sing N N 335 
# 
_pdbx_entity_nonpoly.entity_id   2 
_pdbx_entity_nonpoly.name        water 
_pdbx_entity_nonpoly.comp_id     HOH 
# 
_pdbx_initial_refinement_model.id               1 
_pdbx_initial_refinement_model.entity_id_list   ? 
_pdbx_initial_refinement_model.type             'experimental model' 
_pdbx_initial_refinement_model.source_name      PDB 
_pdbx_initial_refinement_model.accession_code   3DM1 
_pdbx_initial_refinement_model.details          ? 
# 
